data_6NO5
#
_entry.id   6NO5
#
_cell.length_a   89.052
_cell.length_b   82.494
_cell.length_c   91.248
_cell.angle_alpha   90.000
_cell.angle_beta   118.920
_cell.angle_gamma   90.000
#
_symmetry.space_group_name_H-M   'P 1 21 1'
#
loop_
_entity.id
_entity.type
_entity.pdbx_description
1 polymer 'Succinate--CoA ligase [ADP-forming] subunit beta'
2 non-polymer "ADENOSINE-5'-DIPHOSPHATE"
3 non-polymer 'MAGNESIUM ION'
4 non-polymer 'AMMONIUM ION'
5 water water
#
_entity_poly.entity_id   1
_entity_poly.type   'polypeptide(L)'
_entity_poly.pdbx_seq_one_letter_code
;MNIHEWQSKQLIQKYGGRAQSGEVAFSPERSRDIAKKLWNQFPGCEFVVKAQVLAGGRGKGHWEHGMQGGVKLAKTPEEV
YEIANEMIGHKLITKQTGAKGINCNKVMVCGAVDILKEFYLSILLDRAMGCPVIIATSQGGMGIEEVAQKCPECLFKVPI
SVKNGPTNEQLVKLAKDLGLEGDLVQDCVDNVKALYQVFDKCDSTMVEINPLGVIETPTDEKVICCLDAKIAFDKDAAFG
LEHHHHHHHH
;
_entity_poly.pdbx_strand_id   A,B,C,D
#
loop_
_chem_comp.id
_chem_comp.type
_chem_comp.name
_chem_comp.formula
ADP non-polymer ADENOSINE-5'-DIPHOSPHATE 'C10 H15 N5 O10 P2'
MG non-polymer 'MAGNESIUM ION' 'Mg 2'
NH4 non-polymer 'AMMONIUM ION' 'H4 N 1'
#
# COMPACT_ATOMS: atom_id res chain seq x y z
N MET A 1 13.09 -40.92 -5.91
CA MET A 1 11.74 -41.08 -5.31
C MET A 1 11.10 -39.72 -5.03
N ASN A 2 9.96 -39.46 -5.65
CA ASN A 2 9.14 -38.32 -5.32
C ASN A 2 8.09 -38.70 -4.29
N ILE A 3 7.71 -37.73 -3.46
CA ILE A 3 6.61 -37.90 -2.53
C ILE A 3 5.41 -37.12 -3.05
N HIS A 4 4.24 -37.39 -2.49
CA HIS A 4 3.00 -36.80 -2.98
C HIS A 4 2.91 -35.34 -2.60
N GLU A 5 2.01 -34.62 -3.30
CA GLU A 5 1.80 -33.21 -3.05
C GLU A 5 1.45 -32.96 -1.58
N TRP A 6 0.49 -33.73 -1.03
CA TRP A 6 0.05 -33.48 0.33
C TRP A 6 1.21 -33.55 1.30
N GLN A 7 2.10 -34.55 1.15
CA GLN A 7 3.22 -34.67 2.05
C GLN A 7 4.23 -33.55 1.86
N SER A 8 4.51 -33.18 0.61
CA SER A 8 5.45 -32.10 0.35
C SER A 8 4.95 -30.79 0.94
N LYS A 9 3.66 -30.50 0.77
CA LYS A 9 3.12 -29.24 1.28
C LYS A 9 3.13 -29.21 2.81
N GLN A 10 2.82 -30.34 3.46
CA GLN A 10 2.86 -30.36 4.92
C GLN A 10 4.28 -30.21 5.42
N LEU A 11 5.24 -30.81 4.73
CA LEU A 11 6.65 -30.66 5.11
C LEU A 11 7.09 -29.22 4.99
N ILE A 12 6.66 -28.53 3.92
CA ILE A 12 6.98 -27.12 3.76
C ILE A 12 6.38 -26.31 4.90
N GLN A 13 5.14 -26.62 5.29
CA GLN A 13 4.52 -25.89 6.40
C GLN A 13 5.28 -26.11 7.69
N LYS A 14 5.80 -27.32 7.90
CA LYS A 14 6.54 -27.61 9.13
C LYS A 14 7.77 -26.72 9.26
N TYR A 15 8.41 -26.37 8.14
CA TYR A 15 9.59 -25.52 8.16
C TYR A 15 9.27 -24.05 7.97
N GLY A 16 8.00 -23.66 8.10
CA GLY A 16 7.61 -22.27 8.12
C GLY A 16 7.19 -21.67 6.79
N GLY A 17 7.09 -22.48 5.74
CA GLY A 17 6.58 -21.98 4.48
C GLY A 17 5.07 -21.92 4.43
N ARG A 18 4.54 -21.04 3.58
CA ARG A 18 3.10 -20.97 3.37
C ARG A 18 2.75 -21.85 2.17
N ALA A 19 1.94 -22.88 2.42
CA ALA A 19 1.54 -23.83 1.40
C ALA A 19 0.11 -24.26 1.65
N GLN A 20 -0.66 -24.43 0.58
CA GLN A 20 -2.05 -24.85 0.69
C GLN A 20 -2.09 -26.38 0.71
N SER A 21 -2.02 -26.95 1.92
CA SER A 21 -2.08 -28.40 2.06
C SER A 21 -3.49 -28.95 1.94
N GLY A 22 -4.52 -28.12 2.08
CA GLY A 22 -5.90 -28.59 1.99
C GLY A 22 -6.19 -29.72 2.97
N GLU A 23 -6.93 -30.72 2.50
CA GLU A 23 -7.20 -31.90 3.30
C GLU A 23 -7.40 -33.10 2.37
N VAL A 24 -6.84 -34.23 2.77
CA VAL A 24 -6.84 -35.44 1.94
C VAL A 24 -8.08 -36.27 2.26
N ALA A 25 -8.72 -36.77 1.21
CA ALA A 25 -9.88 -37.66 1.33
C ALA A 25 -9.62 -38.94 0.55
N PHE A 26 -10.00 -40.08 1.13
CA PHE A 26 -9.85 -41.37 0.48
C PHE A 26 -11.16 -41.89 -0.11
N SER A 27 -12.24 -41.12 -0.02
CA SER A 27 -13.52 -41.48 -0.61
C SER A 27 -14.21 -40.22 -1.09
N PRO A 28 -15.10 -40.34 -2.08
CA PRO A 28 -15.86 -39.15 -2.49
C PRO A 28 -16.80 -38.65 -1.42
N GLU A 29 -17.30 -39.53 -0.55
CA GLU A 29 -18.15 -39.09 0.56
C GLU A 29 -17.38 -38.17 1.49
N ARG A 30 -16.14 -38.53 1.83
CA ARG A 30 -15.33 -37.67 2.69
C ARG A 30 -14.95 -36.37 1.97
N SER A 31 -14.68 -36.44 0.67
CA SER A 31 -14.37 -35.23 -0.09
C SER A 31 -15.51 -34.23 -0.01
N ARG A 32 -16.75 -34.71 -0.17
CA ARG A 32 -17.91 -33.84 -0.04
C ARG A 32 -18.02 -33.25 1.36
N ASP A 33 -17.79 -34.06 2.38
CA ASP A 33 -17.92 -33.58 3.76
C ASP A 33 -16.89 -32.50 4.06
N ILE A 34 -15.68 -32.64 3.52
CA ILE A 34 -14.67 -31.60 3.69
C ILE A 34 -15.17 -30.28 3.10
N ALA A 35 -15.68 -30.33 1.87
CA ALA A 35 -16.17 -29.13 1.21
C ALA A 35 -17.35 -28.52 1.97
N LYS A 36 -18.29 -29.37 2.43
CA LYS A 36 -19.44 -28.84 3.14
C LYS A 36 -19.03 -28.15 4.43
N LYS A 37 -18.10 -28.75 5.18
CA LYS A 37 -17.66 -28.14 6.43
C LYS A 37 -16.97 -26.80 6.17
N LEU A 38 -16.22 -26.71 5.07
CA LEU A 38 -15.52 -25.47 4.74
C LEU A 38 -16.48 -24.34 4.41
N TRP A 39 -17.68 -24.66 3.92
CA TRP A 39 -18.68 -23.62 3.70
C TRP A 39 -19.17 -22.99 4.99
N ASN A 40 -18.94 -23.63 6.14
CA ASN A 40 -19.24 -22.98 7.41
C ASN A 40 -18.29 -21.84 7.71
N GLN A 41 -17.08 -21.88 7.15
CA GLN A 41 -16.07 -20.86 7.40
C GLN A 41 -16.02 -19.78 6.33
N PHE A 42 -16.13 -20.16 5.05
CA PHE A 42 -16.14 -19.20 3.95
C PHE A 42 -17.32 -19.55 3.05
N PRO A 43 -18.52 -19.15 3.46
CA PRO A 43 -19.72 -19.50 2.68
C PRO A 43 -19.61 -19.02 1.25
N GLY A 44 -20.05 -19.87 0.33
CA GLY A 44 -20.04 -19.57 -1.08
C GLY A 44 -18.71 -19.78 -1.78
N CYS A 45 -17.66 -20.16 -1.06
CA CYS A 45 -16.38 -20.39 -1.72
C CYS A 45 -16.50 -21.55 -2.70
N GLU A 46 -15.56 -21.59 -3.65
CA GLU A 46 -15.42 -22.71 -4.57
C GLU A 46 -14.29 -23.62 -4.09
N PHE A 47 -14.16 -24.76 -4.76
CA PHE A 47 -13.22 -25.78 -4.33
C PHE A 47 -12.40 -26.26 -5.53
N VAL A 48 -11.22 -26.80 -5.23
CA VAL A 48 -10.38 -27.46 -6.22
C VAL A 48 -10.06 -28.86 -5.71
N VAL A 49 -10.26 -29.85 -6.58
CA VAL A 49 -10.01 -31.25 -6.25
C VAL A 49 -8.77 -31.67 -7.02
N LYS A 50 -7.76 -32.18 -6.30
CA LYS A 50 -6.45 -32.48 -6.86
C LYS A 50 -6.13 -33.95 -6.64
N ALA A 51 -6.04 -34.71 -7.73
CA ALA A 51 -5.66 -36.11 -7.65
C ALA A 51 -4.25 -36.23 -7.06
N GLN A 52 -4.10 -37.10 -6.07
CA GLN A 52 -2.79 -37.33 -5.45
C GLN A 52 -2.15 -38.51 -6.17
N VAL A 53 -1.36 -38.20 -7.20
CA VAL A 53 -0.64 -39.18 -7.98
C VAL A 53 0.78 -38.69 -8.21
N LEU A 54 1.70 -39.64 -8.38
CA LEU A 54 3.11 -39.33 -8.64
C LEU A 54 3.31 -39.14 -10.14
N ALA A 55 2.86 -37.98 -10.63
CA ALA A 55 3.01 -37.63 -12.04
C ALA A 55 2.61 -36.18 -12.18
N GLY A 56 3.27 -35.48 -13.12
CA GLY A 56 2.95 -34.10 -13.39
C GLY A 56 1.92 -33.96 -14.49
N GLY A 57 1.62 -32.71 -14.81
CA GLY A 57 0.64 -32.45 -15.85
C GLY A 57 -0.77 -32.90 -15.51
N ARG A 58 -1.11 -32.97 -14.22
CA ARG A 58 -2.41 -33.49 -13.83
C ARG A 58 -3.54 -32.62 -14.39
N GLY A 59 -3.38 -31.29 -14.32
CA GLY A 59 -4.45 -30.40 -14.74
C GLY A 59 -4.88 -30.65 -16.18
N LYS A 60 -3.92 -30.99 -17.04
CA LYS A 60 -4.18 -31.19 -18.45
C LYS A 60 -4.42 -32.64 -18.81
N GLY A 61 -4.43 -33.54 -17.83
CA GLY A 61 -4.70 -34.93 -18.07
C GLY A 61 -6.17 -35.23 -18.25
N HIS A 62 -6.47 -36.51 -18.43
CA HIS A 62 -7.83 -36.97 -18.65
C HIS A 62 -7.99 -38.35 -18.04
N TRP A 63 -9.24 -38.71 -17.75
CA TRP A 63 -9.59 -40.00 -17.18
C TRP A 63 -10.26 -40.84 -18.26
N GLU A 64 -10.00 -42.14 -18.24
CA GLU A 64 -10.53 -43.03 -19.28
C GLU A 64 -12.02 -42.82 -19.49
N HIS A 65 -12.78 -42.81 -18.40
CA HIS A 65 -14.24 -42.84 -18.49
C HIS A 65 -14.86 -41.48 -18.80
N GLY A 66 -14.07 -40.49 -19.19
CA GLY A 66 -14.58 -39.29 -19.85
C GLY A 66 -14.26 -37.97 -19.17
N MET A 67 -13.95 -37.96 -17.87
CA MET A 67 -13.67 -36.70 -17.20
C MET A 67 -12.36 -36.08 -17.69
N GLN A 68 -12.36 -34.77 -17.85
CA GLN A 68 -11.19 -34.02 -18.28
C GLN A 68 -10.57 -33.30 -17.08
N GLY A 69 -9.27 -33.51 -16.86
CA GLY A 69 -8.55 -32.79 -15.83
C GLY A 69 -8.32 -33.58 -14.55
N GLY A 70 -7.08 -33.53 -14.04
CA GLY A 70 -6.75 -34.08 -12.75
C GLY A 70 -6.71 -33.06 -11.63
N VAL A 71 -6.88 -31.78 -11.95
CA VAL A 71 -7.01 -30.71 -10.97
C VAL A 71 -8.23 -29.90 -11.41
N LYS A 72 -9.32 -30.03 -10.67
CA LYS A 72 -10.63 -29.60 -11.17
C LYS A 72 -11.32 -28.64 -10.23
N LEU A 73 -11.91 -27.60 -10.81
CA LEU A 73 -12.72 -26.65 -10.05
C LEU A 73 -14.10 -27.23 -9.78
N ALA A 74 -14.60 -26.97 -8.58
CA ALA A 74 -15.91 -27.44 -8.14
C ALA A 74 -16.60 -26.31 -7.40
N LYS A 75 -17.86 -26.05 -7.74
CA LYS A 75 -18.57 -24.93 -7.16
C LYS A 75 -19.35 -25.29 -5.91
N THR A 76 -19.61 -26.57 -5.67
CA THR A 76 -20.41 -27.00 -4.55
C THR A 76 -19.83 -28.28 -3.98
N PRO A 77 -20.21 -28.64 -2.75
CA PRO A 77 -19.78 -29.94 -2.19
C PRO A 77 -20.26 -31.13 -3.01
N GLU A 78 -21.43 -31.05 -3.65
CA GLU A 78 -21.89 -32.17 -4.45
C GLU A 78 -21.09 -32.32 -5.73
N GLU A 79 -20.65 -31.20 -6.32
CA GLU A 79 -19.72 -31.30 -7.44
C GLU A 79 -18.38 -31.88 -7.01
N VAL A 80 -17.98 -31.64 -5.75
CA VAL A 80 -16.77 -32.27 -5.21
C VAL A 80 -16.95 -33.78 -5.14
N TYR A 81 -18.11 -34.25 -4.70
CA TYR A 81 -18.38 -35.69 -4.71
C TYR A 81 -18.27 -36.23 -6.13
N GLU A 82 -18.94 -35.59 -7.09
CA GLU A 82 -18.94 -36.09 -8.47
C GLU A 82 -17.52 -36.17 -9.01
N ILE A 83 -16.74 -35.10 -8.83
CA ILE A 83 -15.39 -35.07 -9.36
C ILE A 83 -14.51 -36.10 -8.65
N ALA A 84 -14.58 -36.14 -7.32
CA ALA A 84 -13.76 -37.09 -6.57
C ALA A 84 -14.13 -38.54 -6.90
N ASN A 85 -15.41 -38.80 -7.19
CA ASN A 85 -15.83 -40.17 -7.49
C ASN A 85 -15.23 -40.65 -8.81
N GLU A 86 -14.95 -39.74 -9.74
CA GLU A 86 -14.29 -40.10 -10.99
C GLU A 86 -12.78 -40.21 -10.84
N MET A 87 -12.21 -39.76 -9.72
CA MET A 87 -10.77 -39.86 -9.49
C MET A 87 -10.40 -41.06 -8.66
N ILE A 88 -11.05 -41.25 -7.51
CA ILE A 88 -10.64 -42.28 -6.56
C ILE A 88 -10.98 -43.65 -7.11
N GLY A 89 -9.97 -44.52 -7.16
CA GLY A 89 -10.14 -45.84 -7.73
C GLY A 89 -10.03 -45.90 -9.23
N HIS A 90 -9.57 -44.84 -9.87
CA HIS A 90 -9.49 -44.79 -11.33
C HIS A 90 -8.09 -44.33 -11.72
N LYS A 91 -7.81 -44.38 -13.02
CA LYS A 91 -6.47 -44.15 -13.53
C LYS A 91 -6.42 -42.83 -14.28
N LEU A 92 -5.42 -42.03 -13.97
CA LEU A 92 -5.21 -40.75 -14.62
C LEU A 92 -4.11 -40.87 -15.65
N ILE A 93 -4.35 -40.32 -16.83
CA ILE A 93 -3.41 -40.37 -17.94
C ILE A 93 -2.92 -38.95 -18.19
N THR A 94 -1.62 -38.74 -18.11
CA THR A 94 -1.01 -37.44 -18.36
C THR A 94 0.17 -37.58 -19.30
N LYS A 95 0.76 -36.42 -19.62
CA LYS A 95 1.93 -36.36 -20.47
C LYS A 95 3.11 -37.08 -19.84
N GLN A 96 3.16 -37.13 -18.50
CA GLN A 96 4.25 -37.77 -17.79
C GLN A 96 4.00 -39.24 -17.45
N THR A 97 2.78 -39.76 -17.64
CA THR A 97 2.51 -41.17 -17.41
C THR A 97 2.47 -41.93 -18.74
N GLY A 98 2.42 -43.25 -18.62
CA GLY A 98 2.24 -44.09 -19.78
C GLY A 98 0.84 -43.97 -20.33
N ALA A 99 0.58 -44.71 -21.41
CA ALA A 99 -0.74 -44.67 -22.03
C ALA A 99 -1.83 -45.17 -21.09
N LYS A 100 -1.50 -46.08 -20.17
CA LYS A 100 -2.51 -46.67 -19.30
C LYS A 100 -2.81 -45.81 -18.07
N GLY A 101 -2.03 -44.76 -17.81
CA GLY A 101 -2.28 -43.91 -16.69
C GLY A 101 -1.75 -44.49 -15.40
N ILE A 102 -2.16 -43.85 -14.30
CA ILE A 102 -1.71 -44.23 -12.96
C ILE A 102 -2.90 -44.19 -12.02
N ASN A 103 -2.92 -45.12 -11.06
CA ASN A 103 -4.05 -45.25 -10.16
C ASN A 103 -4.07 -44.09 -9.17
N CYS A 104 -5.28 -43.64 -8.84
CA CYS A 104 -5.49 -42.58 -7.87
C CYS A 104 -6.27 -43.16 -6.71
N ASN A 105 -5.72 -43.05 -5.50
CA ASN A 105 -6.35 -43.62 -4.31
C ASN A 105 -6.85 -42.55 -3.35
N LYS A 106 -6.61 -41.28 -3.62
CA LYS A 106 -7.02 -40.22 -2.71
C LYS A 106 -6.87 -38.89 -3.43
N VAL A 107 -7.63 -37.90 -2.94
CA VAL A 107 -7.60 -36.55 -3.50
C VAL A 107 -7.33 -35.55 -2.40
N MET A 108 -6.81 -34.39 -2.80
CA MET A 108 -6.78 -33.21 -1.94
C MET A 108 -7.95 -32.31 -2.30
N VAL A 109 -8.72 -31.92 -1.29
CA VAL A 109 -9.79 -30.93 -1.45
C VAL A 109 -9.26 -29.60 -0.95
N CYS A 110 -9.25 -28.60 -1.82
CA CYS A 110 -8.68 -27.29 -1.50
C CYS A 110 -9.71 -26.20 -1.76
N GLY A 111 -9.60 -25.13 -0.99
CA GLY A 111 -10.36 -23.93 -1.29
C GLY A 111 -9.82 -23.25 -2.53
N ALA A 112 -10.73 -22.76 -3.37
CA ALA A 112 -10.35 -21.99 -4.55
C ALA A 112 -9.94 -20.58 -4.14
N VAL A 113 -8.80 -20.13 -4.65
CA VAL A 113 -8.25 -18.82 -4.32
C VAL A 113 -7.97 -18.05 -5.60
N ASP A 114 -7.92 -16.73 -5.47
CA ASP A 114 -7.52 -15.86 -6.57
C ASP A 114 -6.00 -15.88 -6.69
N ILE A 115 -5.50 -16.26 -7.86
CA ILE A 115 -4.07 -16.31 -8.13
C ILE A 115 -3.69 -15.10 -8.96
N LEU A 116 -2.80 -14.26 -8.43
CA LEU A 116 -2.37 -13.06 -9.15
C LEU A 116 -1.16 -13.31 -10.05
N LYS A 117 -0.16 -14.04 -9.54
CA LYS A 117 1.03 -14.37 -10.31
C LYS A 117 1.42 -15.81 -10.02
N GLU A 118 2.09 -16.44 -10.99
CA GLU A 118 2.63 -17.78 -10.84
C GLU A 118 4.12 -17.76 -11.15
N PHE A 119 4.91 -18.24 -10.20
CA PHE A 119 6.35 -18.35 -10.36
C PHE A 119 6.75 -19.81 -10.33
N TYR A 120 7.84 -20.12 -11.02
CA TYR A 120 8.53 -21.39 -10.86
C TYR A 120 9.73 -21.17 -9.92
N LEU A 121 9.91 -22.07 -8.96
CA LEU A 121 11.07 -22.02 -8.10
C LEU A 121 11.50 -23.44 -7.77
N SER A 122 12.78 -23.72 -7.97
CA SER A 122 13.34 -25.04 -7.71
C SER A 122 14.65 -24.89 -6.99
N ILE A 123 14.92 -25.85 -6.10
CA ILE A 123 16.18 -25.92 -5.38
C ILE A 123 16.73 -27.32 -5.63
N LEU A 124 17.95 -27.40 -6.14
CA LEU A 124 18.54 -28.70 -6.45
C LEU A 124 20.05 -28.60 -6.42
N LEU A 125 20.68 -29.77 -6.34
CA LEU A 125 22.12 -29.86 -6.37
C LEU A 125 22.58 -29.90 -7.82
N ASP A 126 23.24 -28.83 -8.25
CA ASP A 126 23.72 -28.72 -9.63
C ASP A 126 25.09 -29.37 -9.72
N ARG A 127 25.15 -30.53 -10.38
CA ARG A 127 26.39 -31.29 -10.44
C ARG A 127 27.49 -30.52 -11.17
N ALA A 128 27.12 -29.84 -12.26
CA ALA A 128 28.10 -29.04 -13.00
C ALA A 128 28.77 -28.02 -12.09
N MET A 129 27.95 -27.22 -11.38
CA MET A 129 28.50 -26.20 -10.49
C MET A 129 29.11 -26.81 -9.24
N GLY A 130 28.63 -27.97 -8.83
CA GLY A 130 29.09 -28.56 -7.58
C GLY A 130 28.58 -27.87 -6.35
N CYS A 131 27.35 -27.36 -6.38
CA CYS A 131 26.75 -26.70 -5.23
C CYS A 131 25.24 -26.69 -5.41
N PRO A 132 24.49 -26.43 -4.34
CA PRO A 132 23.05 -26.20 -4.50
C PRO A 132 22.80 -24.95 -5.33
N VAL A 133 21.71 -24.99 -6.10
CA VAL A 133 21.31 -23.87 -6.94
C VAL A 133 19.83 -23.63 -6.75
N ILE A 134 19.44 -22.36 -6.67
CA ILE A 134 18.04 -21.96 -6.69
C ILE A 134 17.73 -21.41 -8.08
N ILE A 135 16.80 -22.07 -8.77
CA ILE A 135 16.33 -21.66 -10.08
C ILE A 135 14.92 -21.12 -9.94
N ALA A 136 14.64 -19.99 -10.59
CA ALA A 136 13.30 -19.41 -10.52
C ALA A 136 13.01 -18.62 -11.79
N THR A 137 11.74 -18.58 -12.15
CA THR A 137 11.26 -17.69 -13.21
C THR A 137 10.00 -16.98 -12.75
N SER A 138 9.79 -15.78 -13.27
CA SER A 138 8.57 -15.02 -13.06
C SER A 138 7.45 -15.44 -14.02
N GLN A 139 7.67 -16.49 -14.80
CA GLN A 139 6.70 -16.96 -15.79
C GLN A 139 6.42 -18.45 -15.54
N GLY A 140 5.90 -18.74 -14.35
CA GLY A 140 5.57 -20.11 -14.00
C GLY A 140 4.45 -20.70 -14.82
N GLY A 141 3.65 -19.86 -15.48
CA GLY A 141 2.58 -20.37 -16.33
C GLY A 141 3.12 -21.16 -17.52
N MET A 142 4.20 -20.68 -18.11
CA MET A 142 4.85 -21.42 -19.19
C MET A 142 5.96 -22.30 -18.62
N GLY A 143 6.27 -23.38 -19.34
CA GLY A 143 7.31 -24.28 -18.88
C GLY A 143 8.64 -23.58 -18.77
N ILE A 144 9.46 -24.06 -17.82
CA ILE A 144 10.79 -23.49 -17.65
C ILE A 144 11.61 -23.65 -18.91
N GLU A 145 11.36 -24.71 -19.68
CA GLU A 145 12.04 -24.90 -20.96
C GLU A 145 11.63 -23.82 -21.96
N GLU A 146 10.33 -23.46 -21.97
CA GLU A 146 9.88 -22.38 -22.84
C GLU A 146 10.51 -21.05 -22.43
N VAL A 147 10.73 -20.84 -21.14
CA VAL A 147 11.26 -19.56 -20.67
C VAL A 147 12.68 -19.35 -21.17
N ALA A 148 13.51 -20.40 -21.11
CA ALA A 148 14.93 -20.25 -21.41
C ALA A 148 15.18 -19.85 -22.85
N GLN A 149 14.20 -20.04 -23.75
CA GLN A 149 14.40 -19.79 -25.16
C GLN A 149 13.46 -18.74 -25.76
N LYS A 150 12.45 -18.31 -25.03
CA LYS A 150 11.53 -17.28 -25.51
C LYS A 150 11.44 -16.07 -24.59
N CYS A 151 11.91 -16.16 -23.35
CA CYS A 151 12.10 -15.00 -22.50
C CYS A 151 13.17 -15.32 -21.45
N PRO A 152 14.42 -15.47 -21.86
CA PRO A 152 15.48 -15.84 -20.90
C PRO A 152 15.68 -14.80 -19.82
N GLU A 153 15.31 -13.54 -20.05
CA GLU A 153 15.45 -12.50 -19.05
C GLU A 153 14.66 -12.81 -17.79
N CYS A 154 13.68 -13.71 -17.86
CA CYS A 154 12.83 -14.03 -16.73
C CYS A 154 13.32 -15.21 -15.92
N LEU A 155 14.42 -15.85 -16.30
CA LEU A 155 14.96 -17.00 -15.59
C LEU A 155 16.21 -16.58 -14.82
N PHE A 156 16.27 -16.97 -13.55
CA PHE A 156 17.36 -16.58 -12.66
C PHE A 156 17.92 -17.84 -12.00
N LYS A 157 19.24 -17.88 -11.88
CA LYS A 157 19.94 -19.04 -11.32
C LYS A 157 20.91 -18.53 -10.27
N VAL A 158 20.78 -19.01 -9.05
CA VAL A 158 21.51 -18.48 -7.91
C VAL A 158 22.28 -19.62 -7.26
N PRO A 159 23.60 -19.67 -7.46
CA PRO A 159 24.41 -20.66 -6.73
C PRO A 159 24.43 -20.33 -5.25
N ILE A 160 24.38 -21.37 -4.43
CA ILE A 160 24.25 -21.26 -2.99
C ILE A 160 25.48 -21.85 -2.32
N SER A 161 25.99 -21.15 -1.30
CA SER A 161 27.03 -21.72 -0.46
C SER A 161 26.49 -22.95 0.25
N VAL A 162 27.15 -24.09 0.06
CA VAL A 162 26.66 -25.31 0.67
C VAL A 162 26.78 -25.24 2.19
N LYS A 163 27.82 -24.56 2.68
CA LYS A 163 28.09 -24.53 4.11
C LYS A 163 27.29 -23.46 4.84
N ASN A 164 27.11 -22.28 4.24
CA ASN A 164 26.41 -21.18 4.88
C ASN A 164 24.95 -21.04 4.45
N GLY A 165 24.51 -21.76 3.42
CA GLY A 165 23.18 -21.58 2.89
C GLY A 165 23.00 -20.22 2.24
N PRO A 166 21.80 -19.94 1.74
CA PRO A 166 21.56 -18.66 1.06
C PRO A 166 21.71 -17.49 2.02
N THR A 167 22.19 -16.38 1.48
CA THR A 167 22.29 -15.15 2.26
C THR A 167 21.02 -14.34 2.08
N ASN A 168 20.75 -13.47 3.05
CA ASN A 168 19.57 -12.61 2.94
C ASN A 168 19.65 -11.75 1.68
N GLU A 169 20.85 -11.28 1.33
CA GLU A 169 21.00 -10.42 0.17
C GLU A 169 20.65 -11.16 -1.11
N GLN A 170 21.05 -12.43 -1.23
CA GLN A 170 20.69 -13.21 -2.40
C GLN A 170 19.17 -13.33 -2.51
N LEU A 171 18.51 -13.63 -1.40
CA LEU A 171 17.07 -13.86 -1.43
C LEU A 171 16.30 -12.57 -1.71
N VAL A 172 16.75 -11.45 -1.13
CA VAL A 172 16.10 -10.17 -1.42
C VAL A 172 16.24 -9.85 -2.91
N LYS A 173 17.42 -10.06 -3.48
CA LYS A 173 17.62 -9.81 -4.90
C LYS A 173 16.72 -10.70 -5.75
N LEU A 174 16.64 -11.99 -5.40
CA LEU A 174 15.78 -12.90 -6.15
C LEU A 174 14.33 -12.46 -6.11
N ALA A 175 13.83 -12.05 -4.93
CA ALA A 175 12.46 -11.60 -4.84
C ALA A 175 12.22 -10.40 -5.74
N LYS A 176 13.15 -9.44 -5.75
CA LYS A 176 12.99 -8.25 -6.59
C LYS A 176 13.18 -8.58 -8.06
N ASP A 177 14.08 -9.52 -8.37
CA ASP A 177 14.25 -9.95 -9.76
C ASP A 177 12.97 -10.56 -10.32
N LEU A 178 12.14 -11.14 -9.46
CA LEU A 178 10.89 -11.75 -9.90
C LEU A 178 9.75 -10.74 -10.00
N GLY A 179 9.99 -9.48 -9.68
CA GLY A 179 8.99 -8.44 -9.84
C GLY A 179 8.20 -8.08 -8.61
N LEU A 180 8.66 -8.48 -7.43
CA LEU A 180 7.91 -8.23 -6.20
C LEU A 180 8.34 -6.91 -5.58
N GLU A 181 7.38 -6.27 -4.89
CA GLU A 181 7.62 -5.02 -4.20
C GLU A 181 6.82 -5.05 -2.90
N GLY A 182 7.14 -4.12 -2.00
CA GLY A 182 6.37 -4.01 -0.78
C GLY A 182 6.54 -5.20 0.13
N ASP A 183 5.46 -5.55 0.83
CA ASP A 183 5.49 -6.64 1.79
C ASP A 183 5.81 -7.99 1.15
N LEU A 184 5.50 -8.15 -0.14
CA LEU A 184 5.71 -9.44 -0.81
C LEU A 184 7.20 -9.78 -0.91
N VAL A 185 8.09 -8.80 -0.90
CA VAL A 185 9.52 -9.07 -0.97
C VAL A 185 9.96 -9.90 0.23
N GLN A 186 9.69 -9.40 1.45
CA GLN A 186 10.06 -10.14 2.64
C GLN A 186 9.27 -11.43 2.78
N ASP A 187 8.01 -11.43 2.35
CA ASP A 187 7.21 -12.65 2.33
C ASP A 187 7.88 -13.71 1.45
N CYS A 188 8.34 -13.31 0.26
CA CYS A 188 9.05 -14.24 -0.61
C CYS A 188 10.35 -14.72 0.02
N VAL A 189 11.11 -13.80 0.63
CA VAL A 189 12.37 -14.17 1.27
C VAL A 189 12.13 -15.26 2.31
N ASP A 190 11.16 -15.03 3.21
CA ASP A 190 10.89 -16.00 4.25
C ASP A 190 10.50 -17.36 3.66
N ASN A 191 9.71 -17.34 2.59
CA ASN A 191 9.22 -18.60 2.03
C ASN A 191 10.34 -19.36 1.33
N VAL A 192 11.22 -18.66 0.62
CA VAL A 192 12.34 -19.34 -0.02
C VAL A 192 13.34 -19.83 1.03
N LYS A 193 13.56 -19.05 2.09
CA LYS A 193 14.37 -19.54 3.20
C LYS A 193 13.83 -20.87 3.70
N ALA A 194 12.51 -20.95 3.89
CA ALA A 194 11.90 -22.17 4.39
C ALA A 194 12.05 -23.30 3.38
N LEU A 195 11.92 -23.01 2.09
CA LEU A 195 12.09 -24.05 1.08
C LEU A 195 13.51 -24.59 1.07
N TYR A 196 14.51 -23.71 1.26
CA TYR A 196 15.89 -24.19 1.30
C TYR A 196 16.14 -25.06 2.53
N GLN A 197 15.57 -24.68 3.67
CA GLN A 197 15.70 -25.52 4.87
C GLN A 197 15.10 -26.90 4.62
N VAL A 198 13.96 -26.97 3.93
CA VAL A 198 13.42 -28.27 3.55
C VAL A 198 14.44 -29.04 2.73
N PHE A 199 14.99 -28.40 1.69
CA PHE A 199 15.98 -29.04 0.84
C PHE A 199 17.19 -29.52 1.65
N ASP A 200 17.74 -28.63 2.47
CA ASP A 200 18.99 -28.93 3.16
C ASP A 200 18.79 -29.93 4.30
N LYS A 201 17.83 -29.66 5.20
CA LYS A 201 17.70 -30.45 6.41
C LYS A 201 17.03 -31.79 6.19
N CYS A 202 16.34 -32.00 5.07
CA CYS A 202 15.71 -33.28 4.77
C CYS A 202 16.49 -34.09 3.74
N ASP A 203 17.71 -33.67 3.42
CA ASP A 203 18.56 -34.37 2.44
C ASP A 203 17.79 -34.70 1.17
N SER A 204 17.11 -33.68 0.63
CA SER A 204 16.36 -33.80 -0.60
C SER A 204 17.26 -33.53 -1.80
N THR A 205 16.95 -34.20 -2.91
CA THR A 205 17.63 -33.92 -4.18
C THR A 205 16.95 -32.83 -4.99
N MET A 206 15.69 -32.49 -4.68
CA MET A 206 15.01 -31.42 -5.40
C MET A 206 13.78 -30.99 -4.61
N VAL A 207 13.61 -29.67 -4.50
CA VAL A 207 12.38 -29.06 -4.03
C VAL A 207 11.89 -28.17 -5.16
N GLU A 208 10.80 -28.57 -5.81
CA GLU A 208 10.26 -27.85 -6.97
C GLU A 208 8.87 -27.34 -6.63
N ILE A 209 8.68 -26.03 -6.75
CA ILE A 209 7.41 -25.39 -6.49
C ILE A 209 6.93 -24.79 -7.81
N ASN A 210 5.89 -25.39 -8.39
CA ASN A 210 5.39 -24.99 -9.71
C ASN A 210 3.88 -25.12 -9.70
N PRO A 211 3.15 -24.02 -9.39
CA PRO A 211 3.65 -22.67 -9.14
C PRO A 211 3.80 -22.27 -7.67
N LEU A 212 4.80 -21.43 -7.44
CA LEU A 212 4.87 -20.58 -6.25
C LEU A 212 4.08 -19.32 -6.58
N GLY A 213 2.97 -19.11 -5.90
CA GLY A 213 2.03 -18.10 -6.32
C GLY A 213 1.98 -16.88 -5.44
N VAL A 214 1.54 -15.76 -6.01
CA VAL A 214 1.01 -14.65 -5.25
C VAL A 214 -0.50 -14.79 -5.27
N ILE A 215 -1.09 -15.07 -4.10
CA ILE A 215 -2.52 -15.25 -4.00
C ILE A 215 -3.09 -14.16 -3.11
N GLU A 216 -4.40 -13.99 -3.20
CA GLU A 216 -5.14 -13.13 -2.29
C GLU A 216 -5.83 -13.97 -1.24
N THR A 217 -5.80 -13.50 0.00
CA THR A 217 -6.58 -14.11 1.06
C THR A 217 -8.05 -13.74 0.86
N PRO A 218 -8.96 -14.33 1.65
CA PRO A 218 -10.37 -13.94 1.52
C PRO A 218 -10.63 -12.48 1.80
N THR A 219 -9.76 -11.80 2.54
CA THR A 219 -9.85 -10.37 2.77
C THR A 219 -8.85 -9.58 1.94
N ASP A 220 -8.36 -10.17 0.85
CA ASP A 220 -7.64 -9.48 -0.21
C ASP A 220 -6.21 -9.08 0.16
N GLU A 221 -5.62 -9.69 1.16
CA GLU A 221 -4.19 -9.51 1.40
C GLU A 221 -3.41 -10.39 0.42
N LYS A 222 -2.35 -9.81 -0.15
CA LYS A 222 -1.51 -10.54 -1.09
C LYS A 222 -0.42 -11.28 -0.31
N VAL A 223 -0.35 -12.59 -0.50
CA VAL A 223 0.65 -13.40 0.19
C VAL A 223 1.24 -14.41 -0.78
N ILE A 224 2.47 -14.82 -0.48
CA ILE A 224 3.14 -15.90 -1.20
C ILE A 224 2.59 -17.23 -0.72
N CYS A 225 2.37 -18.17 -1.63
CA CYS A 225 1.83 -19.47 -1.25
C CYS A 225 2.25 -20.53 -2.25
N CYS A 226 2.75 -21.66 -1.73
CA CYS A 226 3.01 -22.82 -2.57
C CYS A 226 1.68 -23.47 -2.96
N LEU A 227 1.37 -23.47 -4.25
CA LEU A 227 0.14 -24.07 -4.76
C LEU A 227 0.36 -25.46 -5.35
N ASP A 228 1.62 -25.85 -5.54
CA ASP A 228 1.99 -27.20 -5.93
C ASP A 228 3.34 -27.45 -5.27
N ALA A 229 3.71 -28.70 -5.13
CA ALA A 229 5.00 -29.01 -4.53
C ALA A 229 5.44 -30.41 -4.94
N LYS A 230 6.70 -30.52 -5.36
CA LYS A 230 7.29 -31.79 -5.74
C LYS A 230 8.66 -31.87 -5.08
N ILE A 231 8.83 -32.84 -4.18
CA ILE A 231 10.08 -33.03 -3.46
C ILE A 231 10.58 -34.44 -3.75
N ALA A 232 11.86 -34.53 -4.12
CA ALA A 232 12.48 -35.79 -4.52
C ALA A 232 13.56 -36.19 -3.52
N PHE A 233 13.80 -37.50 -3.44
CA PHE A 233 14.86 -38.05 -2.64
C PHE A 233 15.58 -39.15 -3.41
N ASP A 234 16.82 -39.42 -3.03
CA ASP A 234 17.65 -40.44 -3.66
C ASP A 234 17.95 -41.52 -2.62
N LYS A 235 17.33 -42.69 -2.79
CA LYS A 235 17.55 -43.79 -1.85
C LYS A 235 18.96 -44.36 -1.98
N ASP A 236 19.53 -44.34 -3.18
CA ASP A 236 20.88 -44.83 -3.44
C ASP A 236 21.90 -43.69 -3.50
N ALA A 237 21.78 -42.73 -2.59
CA ALA A 237 22.60 -41.54 -2.63
C ALA A 237 24.02 -41.82 -2.14
N ALA A 238 24.93 -40.93 -2.50
CA ALA A 238 26.27 -40.95 -1.95
C ALA A 238 26.25 -40.57 -0.49
N PHE A 239 27.01 -41.29 0.33
CA PHE A 239 26.95 -41.13 1.78
C PHE A 239 27.64 -39.83 2.21
N MET B 1 -36.66 -17.65 26.07
CA MET B 1 -35.44 -18.47 25.84
C MET B 1 -34.84 -18.20 24.45
N ASN B 2 -33.57 -17.81 24.45
CA ASN B 2 -32.80 -17.62 23.23
C ASN B 2 -31.76 -18.72 23.14
N ILE B 3 -31.40 -19.09 21.91
CA ILE B 3 -30.33 -20.05 21.68
C ILE B 3 -29.10 -19.31 21.20
N HIS B 4 -27.95 -19.98 21.24
CA HIS B 4 -26.69 -19.34 20.92
C HIS B 4 -26.59 -19.06 19.43
N GLU B 5 -25.66 -18.16 19.08
CA GLU B 5 -25.45 -17.80 17.69
C GLU B 5 -25.21 -19.03 16.82
N TRP B 6 -24.24 -19.86 17.19
CA TRP B 6 -23.86 -20.97 16.33
C TRP B 6 -25.00 -21.96 16.15
N GLN B 7 -25.77 -22.20 17.21
CA GLN B 7 -26.93 -23.07 17.09
C GLN B 7 -27.96 -22.49 16.13
N SER B 8 -28.23 -21.19 16.23
CA SER B 8 -29.18 -20.55 15.33
C SER B 8 -28.70 -20.64 13.89
N LYS B 9 -27.42 -20.41 13.66
CA LYS B 9 -26.88 -20.46 12.30
C LYS B 9 -26.95 -21.87 11.73
N GLN B 10 -26.67 -22.89 12.54
CA GLN B 10 -26.78 -24.26 12.05
C GLN B 10 -28.23 -24.59 11.70
N LEU B 11 -29.17 -24.08 12.49
CA LEU B 11 -30.58 -24.28 12.18
C LEU B 11 -30.92 -23.61 10.86
N ILE B 12 -30.42 -22.40 10.64
CA ILE B 12 -30.64 -21.71 9.37
C ILE B 12 -30.07 -22.51 8.21
N GLN B 13 -28.85 -23.05 8.39
CA GLN B 13 -28.23 -23.84 7.34
C GLN B 13 -29.06 -25.08 7.04
N LYS B 14 -29.65 -25.67 8.08
CA LYS B 14 -30.48 -26.86 7.90
C LYS B 14 -31.66 -26.59 6.98
N TYR B 15 -32.22 -25.37 7.01
CA TYR B 15 -33.35 -25.01 6.16
C TYR B 15 -32.92 -24.34 4.86
N GLY B 16 -31.64 -24.40 4.51
CA GLY B 16 -31.19 -23.95 3.21
C GLY B 16 -30.69 -22.52 3.16
N GLY B 17 -30.61 -21.83 4.30
CA GLY B 17 -30.01 -20.51 4.31
C GLY B 17 -28.50 -20.56 4.37
N ARG B 18 -27.88 -19.49 3.89
CA ARG B 18 -26.44 -19.34 3.97
C ARG B 18 -26.08 -18.56 5.23
N ALA B 19 -25.34 -19.20 6.14
CA ALA B 19 -24.93 -18.58 7.39
C ALA B 19 -23.54 -19.06 7.74
N GLN B 20 -22.72 -18.16 8.28
CA GLN B 20 -21.35 -18.51 8.68
C GLN B 20 -21.41 -19.08 10.09
N SER B 21 -21.58 -20.40 10.18
CA SER B 21 -21.60 -21.06 11.47
C SER B 21 -20.20 -21.24 12.06
N GLY B 22 -19.16 -21.12 11.24
CA GLY B 22 -17.81 -21.28 11.73
C GLY B 22 -17.66 -22.62 12.42
N GLU B 23 -16.95 -22.62 13.55
CA GLU B 23 -16.83 -23.82 14.37
C GLU B 23 -16.64 -23.40 15.81
N VAL B 24 -17.32 -24.08 16.70
CA VAL B 24 -17.33 -23.75 18.12
C VAL B 24 -16.19 -24.45 18.83
N ALA B 25 -15.67 -23.79 19.86
CA ALA B 25 -14.61 -24.35 20.68
C ALA B 25 -14.88 -24.05 22.14
N PHE B 26 -14.64 -25.05 22.99
CA PHE B 26 -14.82 -24.95 24.43
C PHE B 26 -13.50 -24.78 25.17
N SER B 27 -12.39 -24.64 24.46
CA SER B 27 -11.09 -24.36 25.06
C SER B 27 -10.31 -23.44 24.12
N PRO B 28 -9.39 -22.63 24.65
CA PRO B 28 -8.54 -21.82 23.76
C PRO B 28 -7.60 -22.66 22.92
N GLU B 29 -7.17 -23.81 23.43
CA GLU B 29 -6.31 -24.71 22.65
C GLU B 29 -7.06 -25.22 21.42
N ARG B 30 -8.31 -25.62 21.60
CA ARG B 30 -9.13 -26.08 20.49
C ARG B 30 -9.40 -24.95 19.51
N SER B 31 -9.60 -23.73 20.00
CA SER B 31 -9.79 -22.59 19.12
C SER B 31 -8.58 -22.39 18.21
N ARG B 32 -7.38 -22.48 18.78
CA ARG B 32 -6.17 -22.33 17.97
C ARG B 32 -6.06 -23.43 16.92
N ASP B 33 -6.43 -24.67 17.29
CA ASP B 33 -6.37 -25.77 16.34
C ASP B 33 -7.31 -25.54 15.16
N ILE B 34 -8.50 -24.99 15.43
CA ILE B 34 -9.44 -24.69 14.35
C ILE B 34 -8.82 -23.68 13.39
N ALA B 35 -8.26 -22.60 13.94
CA ALA B 35 -7.68 -21.58 13.09
C ALA B 35 -6.51 -22.13 12.28
N LYS B 36 -5.64 -22.92 12.91
CA LYS B 36 -4.49 -23.46 12.19
C LYS B 36 -4.94 -24.37 11.06
N LYS B 37 -5.96 -25.20 11.30
CA LYS B 37 -6.43 -26.09 10.23
C LYS B 37 -7.02 -25.28 9.08
N LEU B 38 -7.72 -24.18 9.38
CA LEU B 38 -8.30 -23.35 8.34
C LEU B 38 -7.23 -22.70 7.48
N TRP B 39 -6.03 -22.47 8.03
CA TRP B 39 -4.94 -21.93 7.23
C TRP B 39 -4.45 -22.92 6.17
N ASN B 40 -4.76 -24.20 6.31
CA ASN B 40 -4.45 -25.15 5.24
C ASN B 40 -5.33 -24.95 4.02
N GLN B 41 -6.52 -24.38 4.19
CA GLN B 41 -7.46 -24.19 3.09
C GLN B 41 -7.38 -22.79 2.48
N PHE B 42 -7.23 -21.76 3.30
CA PHE B 42 -7.09 -20.38 2.83
C PHE B 42 -5.89 -19.76 3.54
N PRO B 43 -4.69 -20.05 3.05
CA PRO B 43 -3.48 -19.56 3.73
C PRO B 43 -3.49 -18.04 3.81
N GLY B 44 -3.05 -17.54 4.97
CA GLY B 44 -2.99 -16.12 5.20
C GLY B 44 -4.29 -15.46 5.60
N CYS B 45 -5.40 -16.21 5.63
CA CYS B 45 -6.66 -15.62 6.01
C CYS B 45 -6.60 -15.11 7.45
N GLU B 46 -7.50 -14.19 7.77
CA GLU B 46 -7.68 -13.74 9.14
C GLU B 46 -8.90 -14.41 9.75
N PHE B 47 -9.05 -14.22 11.05
CA PHE B 47 -10.07 -14.91 11.82
C PHE B 47 -10.87 -13.92 12.65
N VAL B 48 -12.09 -14.33 13.00
CA VAL B 48 -12.93 -13.60 13.93
C VAL B 48 -13.33 -14.56 15.03
N VAL B 49 -13.17 -14.13 16.28
CA VAL B 49 -13.51 -14.92 17.45
C VAL B 49 -14.74 -14.29 18.08
N LYS B 50 -15.80 -15.08 18.25
CA LYS B 50 -17.10 -14.56 18.69
C LYS B 50 -17.50 -15.27 19.98
N ALA B 51 -17.57 -14.52 21.07
CA ALA B 51 -18.05 -15.06 22.33
C ALA B 51 -19.49 -15.54 22.18
N GLN B 52 -19.74 -16.78 22.59
CA GLN B 52 -21.07 -17.38 22.55
C GLN B 52 -21.70 -17.17 23.93
N VAL B 53 -22.48 -16.09 24.03
CA VAL B 53 -23.22 -15.76 25.24
C VAL B 53 -24.64 -15.36 24.83
N LEU B 54 -25.59 -15.55 25.74
CA LEU B 54 -26.98 -15.19 25.48
C LEU B 54 -27.19 -13.70 25.79
N ALA B 55 -26.65 -12.88 24.90
CA ALA B 55 -26.75 -11.42 25.03
C ALA B 55 -26.24 -10.77 23.76
N GLY B 56 -26.81 -9.61 23.44
CA GLY B 56 -26.36 -8.83 22.31
C GLY B 56 -25.31 -7.80 22.70
N GLY B 57 -24.92 -7.01 21.72
CA GLY B 57 -23.91 -5.97 21.96
C GLY B 57 -22.54 -6.50 22.28
N ARG B 58 -22.21 -7.71 21.82
CA ARG B 58 -20.93 -8.31 22.16
C ARG B 58 -19.76 -7.52 21.60
N GLY B 59 -19.87 -7.05 20.35
CA GLY B 59 -18.75 -6.42 19.70
C GLY B 59 -18.18 -5.24 20.46
N LYS B 60 -19.06 -4.44 21.07
CA LYS B 60 -18.63 -3.25 21.80
C LYS B 60 -18.54 -3.47 23.30
N GLY B 61 -18.72 -4.71 23.77
CA GLY B 61 -18.57 -5.01 25.17
C GLY B 61 -17.11 -5.10 25.58
N HIS B 62 -16.90 -5.43 26.85
CA HIS B 62 -15.56 -5.51 27.40
C HIS B 62 -15.52 -6.58 28.48
N TRP B 63 -14.32 -7.09 28.74
CA TRP B 63 -14.10 -8.15 29.73
C TRP B 63 -13.41 -7.57 30.96
N GLU B 64 -13.72 -8.17 32.12
CA GLU B 64 -13.19 -7.67 33.38
C GLU B 64 -11.68 -7.49 33.33
N HIS B 65 -10.96 -8.50 32.82
CA HIS B 65 -9.50 -8.50 32.86
C HIS B 65 -8.86 -7.50 31.88
N GLY B 66 -9.64 -6.78 31.07
CA GLY B 66 -9.11 -5.69 30.27
C GLY B 66 -9.34 -5.81 28.77
N MET B 67 -9.64 -6.99 28.25
CA MET B 67 -9.82 -7.12 26.81
C MET B 67 -11.06 -6.34 26.36
N GLN B 68 -10.94 -5.68 25.21
CA GLN B 68 -12.03 -4.92 24.62
C GLN B 68 -12.64 -5.71 23.47
N GLY B 69 -13.95 -5.92 23.52
CA GLY B 69 -14.66 -6.55 22.42
C GLY B 69 -14.99 -8.01 22.63
N GLY B 70 -16.23 -8.39 22.34
CA GLY B 70 -16.66 -9.77 22.30
C GLY B 70 -16.68 -10.41 20.93
N VAL B 71 -16.41 -9.64 19.88
CA VAL B 71 -16.27 -10.14 18.52
C VAL B 71 -14.97 -9.55 18.00
N LYS B 72 -13.93 -10.37 17.91
CA LYS B 72 -12.59 -9.84 17.78
C LYS B 72 -11.84 -10.40 16.58
N LEU B 73 -11.15 -9.52 15.88
CA LEU B 73 -10.31 -9.90 14.76
C LEU B 73 -8.98 -10.45 15.26
N ALA B 74 -8.51 -11.50 14.59
CA ALA B 74 -7.25 -12.16 14.94
C ALA B 74 -6.52 -12.53 13.66
N LYS B 75 -5.23 -12.20 13.58
CA LYS B 75 -4.48 -12.44 12.36
C LYS B 75 -3.79 -13.81 12.33
N THR B 76 -3.68 -14.50 13.45
CA THR B 76 -2.97 -15.77 13.50
C THR B 76 -3.68 -16.74 14.44
N PRO B 77 -3.39 -18.04 14.32
CA PRO B 77 -3.96 -18.99 15.30
C PRO B 77 -3.52 -18.73 16.72
N GLU B 78 -2.31 -18.19 16.92
CA GLU B 78 -1.88 -17.87 18.28
C GLU B 78 -2.65 -16.69 18.84
N GLU B 79 -2.99 -15.71 17.99
CA GLU B 79 -3.89 -14.66 18.45
C GLU B 79 -5.28 -15.20 18.74
N VAL B 80 -5.72 -16.25 18.04
CA VAL B 80 -6.99 -16.89 18.37
C VAL B 80 -6.91 -17.51 19.76
N TYR B 81 -5.80 -18.18 20.06
CA TYR B 81 -5.60 -18.70 21.42
C TYR B 81 -5.69 -17.58 22.44
N GLU B 82 -4.94 -16.50 22.23
CA GLU B 82 -4.91 -15.42 23.20
C GLU B 82 -6.30 -14.83 23.43
N ILE B 83 -7.02 -14.57 22.35
CA ILE B 83 -8.35 -13.97 22.47
C ILE B 83 -9.33 -14.93 23.13
N ALA B 84 -9.34 -16.19 22.68
CA ALA B 84 -10.27 -17.16 23.25
C ALA B 84 -9.98 -17.42 24.72
N ASN B 85 -8.71 -17.36 25.12
CA ASN B 85 -8.36 -17.60 26.51
C ASN B 85 -8.90 -16.50 27.43
N GLU B 86 -9.07 -15.28 26.92
CA GLU B 86 -9.67 -14.22 27.72
C GLU B 86 -11.19 -14.31 27.74
N MET B 87 -11.79 -15.04 26.80
CA MET B 87 -13.24 -15.20 26.75
C MET B 87 -13.73 -16.38 27.58
N ILE B 88 -13.11 -17.56 27.40
CA ILE B 88 -13.65 -18.79 27.94
C ILE B 88 -13.40 -18.82 29.45
N GLY B 89 -14.47 -19.00 30.22
CA GLY B 89 -14.41 -18.96 31.67
C GLY B 89 -14.46 -17.58 32.28
N HIS B 90 -14.80 -16.56 31.50
CA HIS B 90 -14.82 -15.19 31.99
C HIS B 90 -16.14 -14.53 31.62
N LYS B 91 -16.33 -13.32 32.11
CA LYS B 91 -17.60 -12.62 32.02
C LYS B 91 -17.48 -11.45 31.06
N LEU B 92 -18.43 -11.37 30.13
CA LEU B 92 -18.50 -10.28 29.16
C LEU B 92 -19.56 -9.29 29.62
N ILE B 93 -19.24 -8.01 29.53
CA ILE B 93 -20.14 -6.94 29.93
C ILE B 93 -20.55 -6.18 28.69
N THR B 94 -21.86 -6.13 28.45
CA THR B 94 -22.45 -5.36 27.37
C THR B 94 -23.60 -4.54 27.96
N LYS B 95 -24.17 -3.67 27.12
CA LYS B 95 -25.33 -2.90 27.55
C LYS B 95 -26.55 -3.77 27.78
N GLN B 96 -26.63 -4.94 27.15
CA GLN B 96 -27.77 -5.81 27.36
C GLN B 96 -27.62 -6.69 28.59
N THR B 97 -26.43 -6.74 29.17
CA THR B 97 -26.21 -7.40 30.45
C THR B 97 -26.15 -6.33 31.53
N GLY B 98 -26.42 -6.73 32.76
CA GLY B 98 -26.22 -5.83 33.87
C GLY B 98 -24.73 -5.61 34.04
N ALA B 99 -24.38 -4.81 35.04
CA ALA B 99 -22.96 -4.63 35.33
C ALA B 99 -22.33 -5.95 35.73
N LYS B 100 -23.15 -6.95 36.06
CA LYS B 100 -22.68 -8.28 36.43
C LYS B 100 -22.09 -9.04 35.25
N GLY B 101 -22.31 -8.58 34.02
CA GLY B 101 -21.87 -9.29 32.84
C GLY B 101 -22.50 -10.68 32.78
N ILE B 102 -22.02 -11.46 31.82
CA ILE B 102 -22.54 -12.81 31.59
C ILE B 102 -21.38 -13.74 31.28
N ASN B 103 -21.49 -14.98 31.77
CA ASN B 103 -20.43 -15.96 31.64
C ASN B 103 -20.36 -16.53 30.23
N CYS B 104 -19.14 -16.78 29.77
CA CYS B 104 -18.88 -17.38 28.46
C CYS B 104 -18.10 -18.66 28.63
N ASN B 105 -18.62 -19.76 28.09
CA ASN B 105 -17.95 -21.06 28.15
C ASN B 105 -17.47 -21.55 26.80
N LYS B 106 -17.70 -20.82 25.72
CA LYS B 106 -17.29 -21.30 24.41
C LYS B 106 -17.30 -20.12 23.44
N VAL B 107 -16.49 -20.26 22.38
CA VAL B 107 -16.37 -19.25 21.35
C VAL B 107 -16.61 -19.91 19.99
N MET B 108 -16.99 -19.06 19.04
CA MET B 108 -17.06 -19.42 17.63
C MET B 108 -15.83 -18.85 16.94
N VAL B 109 -15.12 -19.71 16.21
CA VAL B 109 -13.98 -19.29 15.41
C VAL B 109 -14.44 -19.23 13.95
N CYS B 110 -14.35 -18.04 13.35
CA CYS B 110 -14.79 -17.83 11.99
C CYS B 110 -13.65 -17.29 11.12
N GLY B 111 -13.76 -17.54 9.82
CA GLY B 111 -12.91 -16.83 8.87
C GLY B 111 -13.36 -15.39 8.72
N ALA B 112 -12.39 -14.48 8.61
CA ALA B 112 -12.68 -13.08 8.35
C ALA B 112 -13.06 -12.90 6.89
N VAL B 113 -14.16 -12.20 6.63
CA VAL B 113 -14.66 -11.99 5.28
C VAL B 113 -14.87 -10.50 5.04
N ASP B 114 -14.84 -10.12 3.76
CA ASP B 114 -15.15 -8.76 3.35
C ASP B 114 -16.67 -8.57 3.31
N ILE B 115 -17.16 -7.59 4.06
CA ILE B 115 -18.60 -7.32 4.14
C ILE B 115 -18.88 -6.08 3.30
N LEU B 116 -19.72 -6.22 2.28
CA LEU B 116 -20.06 -5.10 1.41
C LEU B 116 -21.28 -4.33 1.91
N LYS B 117 -22.32 -5.03 2.34
CA LYS B 117 -23.50 -4.39 2.88
C LYS B 117 -23.97 -5.16 4.10
N GLU B 118 -24.63 -4.45 5.01
CA GLU B 118 -25.23 -5.05 6.19
C GLU B 118 -26.70 -4.67 6.23
N PHE B 119 -27.55 -5.68 6.32
CA PHE B 119 -28.99 -5.50 6.44
C PHE B 119 -29.45 -6.03 7.79
N TYR B 120 -30.54 -5.45 8.30
CA TYR B 120 -31.28 -6.00 9.41
C TYR B 120 -32.50 -6.76 8.88
N LEU B 121 -32.75 -7.94 9.43
CA LEU B 121 -33.95 -8.68 9.07
C LEU B 121 -34.47 -9.41 10.29
N SER B 122 -35.76 -9.25 10.56
CA SER B 122 -36.41 -9.94 11.65
C SER B 122 -37.75 -10.47 11.17
N ILE B 123 -38.16 -11.60 11.76
CA ILE B 123 -39.45 -12.22 11.51
C ILE B 123 -40.10 -12.43 12.86
N LEU B 124 -41.32 -11.89 13.03
CA LEU B 124 -42.01 -11.98 14.30
C LEU B 124 -43.51 -11.87 14.11
N LEU B 125 -44.24 -12.33 15.13
CA LEU B 125 -45.69 -12.25 15.16
C LEU B 125 -46.10 -10.88 15.65
N ASP B 126 -46.63 -10.06 14.75
CA ASP B 126 -47.05 -8.70 15.07
C ASP B 126 -48.49 -8.75 15.60
N ARG B 127 -48.65 -8.51 16.90
CA ARG B 127 -49.95 -8.64 17.53
C ARG B 127 -50.94 -7.63 16.99
N ALA B 128 -50.49 -6.39 16.76
CA ALA B 128 -51.36 -5.38 16.18
C ALA B 128 -51.97 -5.86 14.87
N MET B 129 -51.13 -6.29 13.93
CA MET B 129 -51.64 -6.78 12.65
C MET B 129 -52.38 -8.11 12.83
N GLY B 130 -51.96 -8.93 13.78
CA GLY B 130 -52.49 -10.28 13.89
C GLY B 130 -51.99 -11.23 12.84
N CYS B 131 -50.73 -11.09 12.42
CA CYS B 131 -50.13 -11.98 11.44
C CYS B 131 -48.62 -11.90 11.57
N PRO B 132 -47.89 -12.85 10.98
CA PRO B 132 -46.43 -12.71 10.91
C PRO B 132 -46.03 -11.52 10.07
N VAL B 133 -44.90 -10.91 10.45
CA VAL B 133 -44.36 -9.75 9.75
C VAL B 133 -42.88 -9.97 9.52
N ILE B 134 -42.40 -9.61 8.33
CA ILE B 134 -40.97 -9.54 8.04
C ILE B 134 -40.58 -8.08 8.08
N ILE B 135 -39.68 -7.72 9.00
CA ILE B 135 -39.15 -6.37 9.10
C ILE B 135 -37.71 -6.42 8.62
N ALA B 136 -37.33 -5.44 7.80
CA ALA B 136 -35.96 -5.36 7.30
C ALA B 136 -35.61 -3.91 6.99
N THR B 137 -34.32 -3.61 7.10
CA THR B 137 -33.80 -2.31 6.71
C THR B 137 -32.48 -2.51 5.98
N SER B 138 -32.21 -1.62 5.03
CA SER B 138 -30.94 -1.65 4.30
C SER B 138 -29.81 -0.97 5.08
N GLN B 139 -30.07 -0.50 6.28
CA GLN B 139 -29.09 0.17 7.11
C GLN B 139 -28.92 -0.63 8.41
N GLY B 140 -28.38 -1.85 8.28
CA GLY B 140 -28.15 -2.68 9.43
C GLY B 140 -27.08 -2.17 10.37
N GLY B 141 -26.19 -1.31 9.88
CA GLY B 141 -25.15 -0.76 10.73
C GLY B 141 -25.71 0.01 11.92
N MET B 142 -26.73 0.82 11.68
CA MET B 142 -27.36 1.59 12.74
C MET B 142 -28.58 0.86 13.27
N GLY B 143 -28.90 1.11 14.55
CA GLY B 143 -29.96 0.39 15.21
C GLY B 143 -31.31 0.61 14.53
N ILE B 144 -32.20 -0.36 14.73
CA ILE B 144 -33.51 -0.30 14.11
C ILE B 144 -34.37 0.78 14.74
N GLU B 145 -34.20 1.03 16.05
CA GLU B 145 -34.92 2.12 16.70
C GLU B 145 -34.64 3.45 16.00
N GLU B 146 -33.36 3.76 15.78
CA GLU B 146 -33.00 5.03 15.15
C GLU B 146 -33.44 5.07 13.69
N VAL B 147 -33.27 3.97 12.95
CA VAL B 147 -33.55 3.97 11.52
C VAL B 147 -34.94 4.52 11.25
N ALA B 148 -35.93 4.06 12.01
CA ALA B 148 -37.31 4.51 11.79
C ALA B 148 -37.52 5.98 12.12
N GLN B 149 -36.48 6.70 12.54
CA GLN B 149 -36.60 8.12 12.86
C GLN B 149 -35.41 8.92 12.35
N LYS B 150 -34.62 8.36 11.43
CA LYS B 150 -33.56 9.10 10.76
C LYS B 150 -33.47 8.78 9.28
N CYS B 151 -34.22 7.82 8.78
CA CYS B 151 -34.30 7.48 7.36
C CYS B 151 -35.38 6.42 7.18
N PRO B 152 -36.65 6.74 7.44
CA PRO B 152 -37.70 5.72 7.39
C PRO B 152 -37.90 5.11 6.01
N GLU B 153 -37.41 5.76 4.95
CA GLU B 153 -37.52 5.18 3.61
C GLU B 153 -36.76 3.87 3.50
N CYS B 154 -35.85 3.60 4.43
CA CYS B 154 -35.02 2.40 4.39
C CYS B 154 -35.58 1.24 5.21
N LEU B 155 -36.62 1.48 6.02
CA LEU B 155 -37.24 0.43 6.80
C LEU B 155 -38.45 -0.13 6.05
N PHE B 156 -38.58 -1.45 6.04
CA PHE B 156 -39.64 -2.11 5.31
C PHE B 156 -40.32 -3.14 6.20
N LYS B 157 -41.64 -3.21 6.11
CA LYS B 157 -42.46 -4.07 6.93
C LYS B 157 -43.39 -4.84 6.00
N VAL B 158 -43.33 -6.16 6.05
CA VAL B 158 -44.07 -6.98 5.09
C VAL B 158 -44.99 -7.93 5.85
N PRO B 159 -46.30 -7.68 5.87
CA PRO B 159 -47.22 -8.66 6.46
C PRO B 159 -47.26 -9.92 5.62
N ILE B 160 -47.35 -11.06 6.30
CA ILE B 160 -47.30 -12.37 5.66
C ILE B 160 -48.61 -13.10 5.91
N SER B 161 -49.13 -13.73 4.87
CA SER B 161 -50.25 -14.65 5.04
C SER B 161 -49.81 -15.80 5.92
N VAL B 162 -50.53 -16.02 7.02
CA VAL B 162 -50.12 -17.05 7.97
C VAL B 162 -50.21 -18.44 7.36
N LYS B 163 -51.22 -18.67 6.50
CA LYS B 163 -51.43 -20.01 5.98
C LYS B 163 -50.59 -20.29 4.73
N ASN B 164 -50.40 -19.29 3.88
CA ASN B 164 -49.68 -19.48 2.63
C ASN B 164 -48.21 -19.09 2.72
N GLY B 165 -47.80 -18.45 3.81
CA GLY B 165 -46.44 -17.97 3.92
C GLY B 165 -46.16 -16.87 2.93
N PRO B 166 -44.93 -16.39 2.89
CA PRO B 166 -44.59 -15.31 1.96
C PRO B 166 -44.74 -15.76 0.51
N THR B 167 -45.13 -14.81 -0.34
CA THR B 167 -45.21 -15.08 -1.76
C THR B 167 -43.89 -14.67 -2.42
N ASN B 168 -43.61 -15.28 -3.57
CA ASN B 168 -42.40 -14.94 -4.30
C ASN B 168 -42.37 -13.46 -4.65
N GLU B 169 -43.53 -12.89 -4.99
CA GLU B 169 -43.57 -11.49 -5.36
C GLU B 169 -43.20 -10.58 -4.19
N GLN B 170 -43.66 -10.93 -2.98
CA GLN B 170 -43.29 -10.15 -1.80
C GLN B 170 -41.79 -10.16 -1.58
N LEU B 171 -41.19 -11.35 -1.64
CA LEU B 171 -39.77 -11.48 -1.34
C LEU B 171 -38.91 -10.82 -2.41
N VAL B 172 -39.31 -10.94 -3.68
CA VAL B 172 -38.58 -10.27 -4.75
C VAL B 172 -38.64 -8.76 -4.55
N LYS B 173 -39.81 -8.22 -4.20
CA LYS B 173 -39.91 -6.79 -3.96
C LYS B 173 -39.04 -6.37 -2.78
N LEU B 174 -39.08 -7.14 -1.69
CA LEU B 174 -38.25 -6.81 -0.54
C LEU B 174 -36.77 -6.78 -0.90
N ALA B 175 -36.31 -7.75 -1.71
CA ALA B 175 -34.92 -7.77 -2.11
C ALA B 175 -34.55 -6.52 -2.90
N LYS B 176 -35.40 -6.11 -3.84
CA LYS B 176 -35.13 -4.91 -4.62
C LYS B 176 -35.27 -3.65 -3.77
N ASP B 177 -36.21 -3.64 -2.83
CA ASP B 177 -36.34 -2.51 -1.93
C ASP B 177 -35.09 -2.29 -1.10
N LEU B 178 -34.34 -3.36 -0.84
CA LEU B 178 -33.11 -3.26 -0.05
C LEU B 178 -31.90 -2.86 -0.88
N GLY B 179 -32.07 -2.68 -2.19
CA GLY B 179 -30.99 -2.21 -3.04
C GLY B 179 -30.25 -3.29 -3.78
N LEU B 180 -30.79 -4.51 -3.83
CA LEU B 180 -30.09 -5.62 -4.44
C LEU B 180 -30.40 -5.71 -5.92
N GLU B 181 -29.42 -6.20 -6.69
CA GLU B 181 -29.55 -6.34 -8.13
C GLU B 181 -28.85 -7.62 -8.56
N GLY B 182 -29.15 -8.05 -9.79
CA GLY B 182 -28.47 -9.21 -10.32
C GLY B 182 -28.82 -10.48 -9.57
N ASP B 183 -27.83 -11.36 -9.47
CA ASP B 183 -28.02 -12.63 -8.80
C ASP B 183 -28.37 -12.46 -7.32
N LEU B 184 -28.00 -11.33 -6.72
CA LEU B 184 -28.25 -11.14 -5.29
C LEU B 184 -29.74 -11.08 -4.96
N VAL B 185 -30.59 -10.70 -5.93
CA VAL B 185 -32.02 -10.65 -5.67
C VAL B 185 -32.55 -12.04 -5.32
N GLN B 186 -32.34 -13.01 -6.22
CA GLN B 186 -32.82 -14.36 -5.96
C GLN B 186 -32.09 -15.01 -4.79
N ASP B 187 -30.82 -14.69 -4.60
CA ASP B 187 -30.09 -15.16 -3.43
C ASP B 187 -30.78 -14.70 -2.14
N CYS B 188 -31.15 -13.42 -2.09
CA CYS B 188 -31.87 -12.89 -0.94
C CYS B 188 -33.22 -13.58 -0.77
N VAL B 189 -33.95 -13.78 -1.87
CA VAL B 189 -35.25 -14.44 -1.81
C VAL B 189 -35.09 -15.82 -1.17
N ASP B 190 -34.12 -16.60 -1.64
CA ASP B 190 -33.92 -17.95 -1.12
C ASP B 190 -33.60 -17.91 0.37
N ASN B 191 -32.79 -16.94 0.80
CA ASN B 191 -32.40 -16.89 2.20
C ASN B 191 -33.55 -16.47 3.10
N VAL B 192 -34.35 -15.49 2.67
CA VAL B 192 -35.49 -15.07 3.48
C VAL B 192 -36.54 -16.18 3.51
N LYS B 193 -36.73 -16.87 2.39
CA LYS B 193 -37.59 -18.05 2.39
C LYS B 193 -37.17 -19.02 3.49
N ALA B 194 -35.87 -19.31 3.56
CA ALA B 194 -35.37 -20.22 4.57
C ALA B 194 -35.57 -19.64 5.97
N LEU B 195 -35.35 -18.33 6.13
CA LEU B 195 -35.54 -17.70 7.43
C LEU B 195 -36.99 -17.81 7.90
N TYR B 196 -37.95 -17.64 6.98
CA TYR B 196 -39.34 -17.78 7.38
C TYR B 196 -39.68 -19.22 7.72
N GLN B 197 -39.16 -20.18 6.95
CA GLN B 197 -39.39 -21.59 7.27
C GLN B 197 -38.86 -21.93 8.66
N VAL B 198 -37.69 -21.41 9.01
CA VAL B 198 -37.20 -21.57 10.37
C VAL B 198 -38.23 -21.00 11.35
N PHE B 199 -38.68 -19.78 11.09
CA PHE B 199 -39.65 -19.14 11.97
C PHE B 199 -40.91 -19.98 12.11
N ASP B 200 -41.49 -20.40 10.97
CA ASP B 200 -42.78 -21.08 11.00
C ASP B 200 -42.66 -22.51 11.51
N LYS B 201 -41.74 -23.30 10.94
CA LYS B 201 -41.68 -24.72 11.24
C LYS B 201 -41.05 -25.03 12.59
N CYS B 202 -40.33 -24.08 13.19
CA CYS B 202 -39.72 -24.28 14.50
C CYS B 202 -40.49 -23.59 15.60
N ASP B 203 -41.69 -23.08 15.31
CA ASP B 203 -42.53 -22.39 16.28
C ASP B 203 -41.70 -21.37 17.07
N SER B 204 -40.96 -20.55 16.33
CA SER B 204 -40.13 -19.51 16.92
C SER B 204 -40.96 -18.27 17.18
N THR B 205 -40.58 -17.54 18.23
CA THR B 205 -41.20 -16.25 18.51
C THR B 205 -40.49 -15.11 17.79
N MET B 206 -39.26 -15.33 17.33
CA MET B 206 -38.53 -14.29 16.60
C MET B 206 -37.32 -14.92 15.92
N VAL B 207 -37.10 -14.55 14.66
CA VAL B 207 -35.88 -14.85 13.93
C VAL B 207 -35.28 -13.50 13.54
N GLU B 208 -34.18 -13.12 14.18
CA GLU B 208 -33.54 -11.84 13.97
C GLU B 208 -32.15 -12.06 13.41
N ILE B 209 -31.87 -11.49 12.25
CA ILE B 209 -30.58 -11.59 11.57
C ILE B 209 -29.99 -10.19 11.51
N ASN B 210 -28.98 -9.93 12.34
CA ASN B 210 -28.39 -8.60 12.46
C ASN B 210 -26.88 -8.74 12.61
N PRO B 211 -26.12 -8.67 11.51
CA PRO B 211 -26.56 -8.39 10.15
C PRO B 211 -26.79 -9.58 9.24
N LEU B 212 -27.75 -9.41 8.33
CA LEU B 212 -27.81 -10.20 7.11
C LEU B 212 -26.94 -9.49 6.09
N GLY B 213 -25.84 -10.13 5.69
CA GLY B 213 -24.83 -9.43 4.94
C GLY B 213 -24.73 -9.80 3.48
N VAL B 214 -24.22 -8.88 2.68
CA VAL B 214 -23.66 -9.19 1.37
C VAL B 214 -22.15 -9.29 1.57
N ILE B 215 -21.60 -10.49 1.41
CA ILE B 215 -20.18 -10.72 1.61
C ILE B 215 -19.57 -11.18 0.29
N GLU B 216 -18.25 -11.08 0.22
CA GLU B 216 -17.48 -11.63 -0.90
C GLU B 216 -16.91 -12.98 -0.50
N THR B 217 -16.97 -13.94 -1.43
CA THR B 217 -16.28 -15.20 -1.25
C THR B 217 -14.78 -14.95 -1.43
N PRO B 218 -13.93 -15.95 -1.16
CA PRO B 218 -12.49 -15.76 -1.38
C PRO B 218 -12.15 -15.45 -2.83
N THR B 219 -13.00 -15.83 -3.78
CA THR B 219 -12.81 -15.50 -5.18
C THR B 219 -13.73 -14.37 -5.65
N ASP B 220 -14.19 -13.53 -4.72
CA ASP B 220 -14.80 -12.23 -5.00
C ASP B 220 -16.22 -12.33 -5.56
N GLU B 221 -16.90 -13.46 -5.38
CA GLU B 221 -18.32 -13.54 -5.68
C GLU B 221 -19.13 -12.97 -4.53
N LYS B 222 -20.17 -12.19 -4.87
CA LYS B 222 -21.04 -11.60 -3.86
C LYS B 222 -22.18 -12.57 -3.52
N VAL B 223 -22.33 -12.87 -2.23
CA VAL B 223 -23.39 -13.76 -1.77
C VAL B 223 -24.04 -13.20 -0.51
N ILE B 224 -25.31 -13.57 -0.31
CA ILE B 224 -26.02 -13.26 0.93
C ILE B 224 -25.59 -14.23 2.01
N CYS B 225 -25.38 -13.73 3.23
CA CYS B 225 -24.94 -14.59 4.31
C CYS B 225 -25.33 -14.01 5.66
N CYS B 226 -25.90 -14.86 6.52
CA CYS B 226 -26.17 -14.49 7.90
C CYS B 226 -24.86 -14.42 8.69
N LEU B 227 -24.52 -13.24 9.17
CA LEU B 227 -23.30 -13.04 9.97
C LEU B 227 -23.57 -13.00 11.46
N ASP B 228 -24.84 -12.93 11.85
CA ASP B 228 -25.27 -13.03 13.23
C ASP B 228 -26.65 -13.68 13.19
N ALA B 229 -27.08 -14.26 14.31
CA ALA B 229 -28.40 -14.86 14.32
C ALA B 229 -28.90 -14.99 15.75
N LYS B 230 -30.15 -14.58 15.96
CA LYS B 230 -30.81 -14.69 17.26
C LYS B 230 -32.20 -15.26 17.00
N ILE B 231 -32.47 -16.45 17.54
CA ILE B 231 -33.77 -17.10 17.40
C ILE B 231 -34.30 -17.34 18.81
N ALA B 232 -35.54 -16.95 19.04
CA ALA B 232 -36.15 -17.02 20.35
C ALA B 232 -37.30 -18.04 20.36
N PHE B 233 -37.56 -18.57 21.54
CA PHE B 233 -38.68 -19.48 21.75
C PHE B 233 -39.36 -19.13 23.07
N ASP B 234 -40.64 -19.49 23.16
CA ASP B 234 -41.40 -19.24 24.39
C ASP B 234 -41.10 -20.32 25.42
N ASN C 2 33.49 3.33 -17.68
CA ASN C 2 32.66 4.41 -17.18
C ASN C 2 31.53 3.89 -16.29
N ILE C 3 31.13 4.71 -15.32
CA ILE C 3 29.99 4.41 -14.47
C ILE C 3 28.81 5.30 -14.84
N HIS C 4 27.64 4.96 -14.30
CA HIS C 4 26.40 5.66 -14.63
C HIS C 4 26.39 7.08 -14.05
N GLU C 5 25.46 7.88 -14.55
CA GLU C 5 25.30 9.25 -14.06
C GLU C 5 25.13 9.27 -12.54
N TRP C 6 24.21 8.45 -12.02
CA TRP C 6 23.86 8.55 -10.61
C TRP C 6 24.96 8.02 -9.71
N GLN C 7 25.74 7.06 -10.18
CA GLN C 7 26.89 6.59 -9.41
C GLN C 7 27.98 7.65 -9.36
N SER C 8 28.15 8.41 -10.45
CA SER C 8 29.14 9.48 -10.46
C SER C 8 28.73 10.63 -9.55
N LYS C 9 27.45 11.00 -9.57
CA LYS C 9 26.98 12.12 -8.76
C LYS C 9 27.06 11.80 -7.27
N GLN C 10 26.72 10.58 -6.87
CA GLN C 10 26.83 10.21 -5.46
C GLN C 10 28.28 10.25 -5.02
N LEU C 11 29.20 9.85 -5.90
CA LEU C 11 30.62 9.95 -5.59
C LEU C 11 31.06 11.40 -5.42
N ILE C 12 30.58 12.30 -6.28
CA ILE C 12 30.90 13.71 -6.16
C ILE C 12 30.35 14.27 -4.85
N GLN C 13 29.13 13.89 -4.48
CA GLN C 13 28.54 14.38 -3.24
C GLN C 13 29.37 13.92 -2.03
N LYS C 14 29.88 12.69 -2.08
CA LYS C 14 30.67 12.15 -0.98
C LYS C 14 31.90 12.99 -0.71
N TYR C 15 32.50 13.57 -1.75
CA TYR C 15 33.68 14.42 -1.59
C TYR C 15 33.34 15.90 -1.44
N GLY C 16 32.07 16.23 -1.21
CA GLY C 16 31.69 17.59 -0.89
C GLY C 16 31.23 18.43 -2.05
N GLY C 17 31.10 17.86 -3.25
CA GLY C 17 30.54 18.60 -4.36
C GLY C 17 29.02 18.63 -4.32
N ARG C 18 28.45 19.67 -4.93
CA ARG C 18 27.01 19.78 -5.05
C ARG C 18 26.57 19.16 -6.37
N ALA C 19 25.77 18.11 -6.29
CA ALA C 19 25.30 17.38 -7.47
C ALA C 19 23.87 16.90 -7.26
N GLN C 20 23.07 16.94 -8.31
CA GLN C 20 21.68 16.48 -8.25
C GLN C 20 21.64 14.98 -8.55
N SER C 21 21.75 14.16 -7.50
CA SER C 21 21.67 12.72 -7.68
C SER C 21 20.24 12.22 -7.81
N GLY C 22 19.25 13.02 -7.40
CA GLY C 22 17.86 12.58 -7.48
C GLY C 22 17.63 11.28 -6.75
N GLU C 23 16.85 10.39 -7.39
CA GLU C 23 16.61 9.05 -6.88
C GLU C 23 16.33 8.13 -8.05
N VAL C 24 16.84 6.89 -7.97
CA VAL C 24 16.76 5.93 -9.06
C VAL C 24 15.51 5.07 -8.87
N ALA C 25 14.90 4.69 -9.99
CA ALA C 25 13.74 3.81 -9.99
C ALA C 25 13.93 2.75 -11.07
N PHE C 26 13.57 1.51 -10.76
CA PHE C 26 13.66 0.42 -11.73
C PHE C 26 12.30 0.05 -12.32
N SER C 27 11.24 0.76 -11.95
CA SER C 27 9.92 0.54 -12.51
C SER C 27 9.23 1.89 -12.66
N PRO C 28 8.31 2.03 -13.62
CA PRO C 28 7.58 3.30 -13.72
C PRO C 28 6.68 3.56 -12.52
N GLU C 29 6.19 2.50 -11.86
CA GLU C 29 5.39 2.69 -10.65
C GLU C 29 6.22 3.35 -9.55
N ARG C 30 7.47 2.89 -9.35
CA ARG C 30 8.33 3.52 -8.36
C ARG C 30 8.69 4.95 -8.77
N SER C 31 8.90 5.19 -10.06
CA SER C 31 9.18 6.54 -10.53
C SER C 31 8.06 7.49 -10.14
N ARG C 32 6.80 7.07 -10.31
CA ARG C 32 5.66 7.89 -9.93
C ARG C 32 5.66 8.18 -8.44
N ASP C 33 5.95 7.17 -7.62
CA ASP C 33 5.92 7.36 -6.16
C ASP C 33 6.97 8.37 -5.72
N ILE C 34 8.15 8.34 -6.35
CA ILE C 34 9.18 9.31 -6.03
C ILE C 34 8.69 10.72 -6.32
N ALA C 35 8.15 10.93 -7.51
CA ALA C 35 7.63 12.24 -7.88
C ALA C 35 6.48 12.64 -6.98
N LYS C 36 5.60 11.68 -6.69
CA LYS C 36 4.45 11.99 -5.86
C LYS C 36 4.88 12.36 -4.44
N LYS C 37 5.93 11.74 -3.93
CA LYS C 37 6.44 12.08 -2.60
C LYS C 37 7.16 13.43 -2.57
N LEU C 38 7.83 13.81 -3.67
CA LEU C 38 8.51 15.10 -3.73
C LEU C 38 7.53 16.25 -3.71
N TRP C 39 6.29 16.03 -4.16
CA TRP C 39 5.26 17.04 -4.07
C TRP C 39 4.86 17.34 -2.63
N ASN C 40 5.22 16.46 -1.68
CA ASN C 40 5.04 16.80 -0.27
C ASN C 40 6.01 17.88 0.18
N GLN C 41 7.16 17.99 -0.48
CA GLN C 41 8.22 18.92 -0.11
C GLN C 41 8.20 20.20 -0.92
N PHE C 42 8.00 20.12 -2.23
CA PHE C 42 7.91 21.29 -3.10
C PHE C 42 6.66 21.11 -3.94
N PRO C 43 5.49 21.39 -3.37
CA PRO C 43 4.24 21.17 -4.09
C PRO C 43 4.22 21.95 -5.40
N GLY C 44 3.72 21.30 -6.45
CA GLY C 44 3.65 21.90 -7.76
C GLY C 44 4.94 21.87 -8.56
N CYS C 45 6.02 21.38 -7.99
CA CYS C 45 7.27 21.33 -8.74
C CYS C 45 7.12 20.43 -9.96
N GLU C 46 7.99 20.64 -10.94
CA GLU C 46 8.09 19.75 -12.09
C GLU C 46 9.24 18.78 -11.90
N PHE C 47 9.31 17.80 -12.80
CA PHE C 47 10.25 16.70 -12.68
C PHE C 47 11.00 16.53 -13.99
N VAL C 48 12.17 15.93 -13.90
CA VAL C 48 12.96 15.52 -15.05
C VAL C 48 13.25 14.04 -14.91
N VAL C 49 12.99 13.29 -15.97
CA VAL C 49 13.20 11.84 -16.00
C VAL C 49 14.38 11.57 -16.91
N LYS C 50 15.39 10.89 -16.38
CA LYS C 50 16.66 10.70 -17.07
C LYS C 50 16.96 9.22 -17.22
N ALA C 51 17.00 8.74 -18.46
CA ALA C 51 17.39 7.37 -18.73
C ALA C 51 18.82 7.13 -18.25
N GLN C 52 19.01 6.08 -17.46
CA GLN C 52 20.34 5.72 -16.95
C GLN C 52 20.94 4.67 -17.88
N VAL C 53 21.72 5.13 -18.85
CA VAL C 53 22.41 4.26 -19.78
C VAL C 53 23.85 4.72 -19.89
N LEU C 54 24.74 3.78 -20.21
CA LEU C 54 26.16 4.09 -20.38
C LEU C 54 26.38 4.63 -21.79
N ALA C 55 25.93 5.86 -21.99
CA ALA C 55 26.04 6.53 -23.28
C ALA C 55 25.63 7.99 -23.10
N GLY C 56 26.26 8.86 -23.88
CA GLY C 56 25.92 10.27 -23.90
C GLY C 56 24.89 10.59 -24.95
N GLY C 57 24.61 11.89 -25.08
CA GLY C 57 23.64 12.35 -26.06
C GLY C 57 22.22 11.93 -25.78
N ARG C 58 21.88 11.66 -24.51
CA ARG C 58 20.54 11.17 -24.20
C ARG C 58 19.47 12.20 -24.51
N GLY C 59 19.72 13.47 -24.16
CA GLY C 59 18.69 14.48 -24.31
C GLY C 59 18.16 14.58 -25.73
N LYS C 60 19.04 14.41 -26.71
CA LYS C 60 18.70 14.53 -28.11
C LYS C 60 18.43 13.19 -28.76
N GLY C 61 18.44 12.10 -28.00
CA GLY C 61 18.14 10.80 -28.53
C GLY C 61 16.66 10.58 -28.73
N HIS C 62 16.32 9.37 -29.18
CA HIS C 62 14.94 9.00 -29.44
C HIS C 62 14.77 7.52 -29.16
N TRP C 63 13.52 7.12 -28.89
CA TRP C 63 13.19 5.75 -28.57
C TRP C 63 12.48 5.10 -29.75
N GLU C 64 12.52 3.76 -29.77
CA GLU C 64 12.03 3.01 -30.93
C GLU C 64 10.54 3.25 -31.15
N HIS C 65 9.76 3.21 -30.07
CA HIS C 65 8.31 3.35 -30.18
C HIS C 65 7.86 4.78 -30.43
N GLY C 66 8.78 5.75 -30.48
CA GLY C 66 8.47 7.10 -30.96
C GLY C 66 8.79 8.22 -29.99
N MET C 67 8.94 7.95 -28.70
CA MET C 67 9.20 9.04 -27.76
C MET C 67 10.54 9.69 -28.08
N GLN C 68 10.58 11.01 -27.97
CA GLN C 68 11.78 11.79 -28.22
C GLN C 68 12.42 12.21 -26.91
N GLY C 69 13.70 11.91 -26.76
CA GLY C 69 14.46 12.37 -25.61
C GLY C 69 14.66 11.36 -24.52
N GLY C 70 15.89 11.23 -24.04
CA GLY C 70 16.21 10.44 -22.88
C GLY C 70 16.30 11.23 -21.60
N VAL C 71 16.15 12.55 -21.68
CA VAL C 71 16.09 13.43 -20.51
C VAL C 71 14.86 14.31 -20.73
N LYS C 72 13.80 14.03 -19.98
CA LYS C 72 12.48 14.53 -20.32
C LYS C 72 11.85 15.27 -19.15
N LEU C 73 11.26 16.41 -19.45
CA LEU C 73 10.50 17.16 -18.46
C LEU C 73 9.12 16.52 -18.28
N ALA C 74 8.67 16.48 -17.03
CA ALA C 74 7.38 15.89 -16.69
C ALA C 74 6.72 16.81 -15.69
N LYS C 75 5.44 17.14 -15.92
CA LYS C 75 4.76 18.09 -15.07
C LYS C 75 4.07 17.47 -13.87
N THR C 76 3.83 16.18 -13.89
CA THR C 76 3.09 15.51 -12.83
C THR C 76 3.67 14.13 -12.59
N PRO C 77 3.34 13.51 -11.45
CA PRO C 77 3.78 12.11 -11.24
C PRO C 77 3.24 11.16 -12.29
N GLU C 78 2.05 11.41 -12.84
CA GLU C 78 1.52 10.52 -13.87
C GLU C 78 2.28 10.69 -15.17
N GLU C 79 2.69 11.91 -15.51
CA GLU C 79 3.59 12.08 -16.64
C GLU C 79 4.94 11.43 -16.37
N VAL C 80 5.36 11.39 -15.09
CA VAL C 80 6.59 10.67 -14.75
C VAL C 80 6.41 9.18 -15.03
N TYR C 81 5.26 8.62 -14.64
CA TYR C 81 4.97 7.22 -14.96
C TYR C 81 5.02 6.98 -16.46
N GLU C 82 4.29 7.80 -17.23
CA GLU C 82 4.19 7.58 -18.66
C GLU C 82 5.57 7.62 -19.32
N ILE C 83 6.37 8.63 -18.99
CA ILE C 83 7.68 8.76 -19.61
C ILE C 83 8.59 7.62 -19.18
N ALA C 84 8.62 7.32 -17.89
CA ALA C 84 9.48 6.24 -17.40
C ALA C 84 9.07 4.89 -17.96
N ASN C 85 7.77 4.69 -18.19
CA ASN C 85 7.32 3.43 -18.77
C ASN C 85 7.83 3.25 -20.19
N GLU C 86 8.05 4.35 -20.91
CA GLU C 86 8.60 4.28 -22.24
C GLU C 86 10.12 4.18 -22.25
N MET C 87 10.77 4.43 -21.12
CA MET C 87 12.22 4.29 -21.03
C MET C 87 12.63 2.92 -20.51
N ILE C 88 12.01 2.48 -19.41
CA ILE C 88 12.43 1.24 -18.76
C ILE C 88 12.03 0.04 -19.63
N GLY C 89 13.02 -0.80 -19.95
CA GLY C 89 12.78 -1.95 -20.81
C GLY C 89 12.79 -1.64 -22.29
N HIS C 90 13.24 -0.46 -22.69
CA HIS C 90 13.26 -0.06 -24.08
C HIS C 90 14.66 0.43 -24.42
N LYS C 91 14.88 0.71 -25.70
CA LYS C 91 16.20 1.04 -26.22
C LYS C 91 16.24 2.50 -26.62
N LEU C 92 17.28 3.21 -26.18
CA LEU C 92 17.46 4.62 -26.50
C LEU C 92 18.51 4.73 -27.60
N ILE C 93 18.24 5.58 -28.58
CA ILE C 93 19.11 5.79 -29.72
C ILE C 93 19.68 7.20 -29.63
N THR C 94 21.01 7.30 -29.58
CA THR C 94 21.71 8.56 -29.58
C THR C 94 22.81 8.52 -30.62
N LYS C 95 23.48 9.65 -30.83
CA LYS C 95 24.61 9.68 -31.75
C LYS C 95 25.77 8.84 -31.25
N GLN C 96 25.86 8.60 -29.94
CA GLN C 96 26.94 7.79 -29.39
C GLN C 96 26.63 6.30 -29.38
N THR C 97 25.38 5.91 -29.65
CA THR C 97 25.01 4.51 -29.77
C THR C 97 24.86 4.14 -31.24
N GLY C 98 24.78 2.83 -31.48
CA GLY C 98 24.53 2.34 -32.82
C GLY C 98 23.13 2.71 -33.27
N ALA C 99 22.80 2.28 -34.49
CA ALA C 99 21.46 2.53 -35.02
C ALA C 99 20.39 1.87 -34.17
N LYS C 100 20.73 0.81 -33.43
CA LYS C 100 19.77 0.09 -32.61
C LYS C 100 19.83 0.47 -31.13
N GLY C 101 20.52 1.55 -30.79
CA GLY C 101 20.39 2.08 -29.45
C GLY C 101 21.05 1.22 -28.38
N ILE C 102 20.72 1.56 -27.13
CA ILE C 102 21.28 0.91 -25.95
C ILE C 102 20.16 0.67 -24.95
N ASN C 103 20.30 -0.42 -24.20
CA ASN C 103 19.23 -0.84 -23.29
C ASN C 103 19.18 0.06 -22.06
N CYS C 104 17.95 0.36 -21.62
CA CYS C 104 17.69 1.15 -20.43
C CYS C 104 16.85 0.32 -19.47
N ASN C 105 17.36 0.11 -18.25
CA ASN C 105 16.67 -0.68 -17.25
C ASN C 105 16.27 0.12 -16.00
N LYS C 106 16.55 1.42 -15.97
CA LYS C 106 16.27 2.22 -14.78
C LYS C 106 16.32 3.69 -15.15
N VAL C 107 15.63 4.51 -14.36
CA VAL C 107 15.58 5.94 -14.60
C VAL C 107 16.01 6.67 -13.33
N MET C 108 16.44 7.90 -13.53
CA MET C 108 16.67 8.86 -12.45
C MET C 108 15.55 9.89 -12.47
N VAL C 109 14.86 10.06 -11.35
CA VAL C 109 13.80 11.04 -11.22
C VAL C 109 14.36 12.23 -10.45
N CYS C 110 14.33 13.40 -11.07
CA CYS C 110 14.90 14.61 -10.51
C CYS C 110 13.86 15.70 -10.44
N GLY C 111 14.02 16.59 -9.48
CA GLY C 111 13.28 17.84 -9.50
C GLY C 111 13.78 18.71 -10.64
N ALA C 112 12.83 19.35 -11.32
CA ALA C 112 13.16 20.32 -12.36
C ALA C 112 13.63 21.61 -11.72
N VAL C 113 14.76 22.15 -12.20
CA VAL C 113 15.32 23.37 -11.64
C VAL C 113 15.53 24.39 -12.76
N ASP C 114 15.55 25.66 -12.36
CA ASP C 114 15.90 26.74 -13.27
C ASP C 114 17.41 26.80 -13.43
N ILE C 115 17.88 26.65 -14.66
CA ILE C 115 19.31 26.66 -14.97
C ILE C 115 19.63 28.03 -15.57
N LEU C 116 20.50 28.78 -14.92
CA LEU C 116 20.88 30.11 -15.42
C LEU C 116 22.05 30.04 -16.37
N LYS C 117 23.07 29.25 -16.04
CA LYS C 117 24.23 29.08 -16.91
C LYS C 117 24.59 27.61 -16.94
N GLU C 118 25.16 27.17 -18.06
CA GLU C 118 25.68 25.82 -18.19
C GLU C 118 27.14 25.91 -18.63
N PHE C 119 28.01 25.24 -17.89
CA PHE C 119 29.42 25.16 -18.22
C PHE C 119 29.76 23.73 -18.57
N TYR C 120 30.76 23.56 -19.42
CA TYR C 120 31.44 22.29 -19.58
C TYR C 120 32.69 22.38 -18.71
N LEU C 121 32.93 21.34 -17.91
CA LEU C 121 34.14 21.28 -17.10
C LEU C 121 34.60 19.83 -17.04
N SER C 122 35.91 19.66 -17.16
CA SER C 122 36.49 18.32 -17.20
C SER C 122 37.85 18.38 -16.52
N ILE C 123 38.12 17.37 -15.71
CA ILE C 123 39.45 17.12 -15.16
C ILE C 123 39.94 15.81 -15.75
N LEU C 124 41.13 15.84 -16.35
CA LEU C 124 41.66 14.63 -16.95
C LEU C 124 43.18 14.67 -16.94
N LEU C 125 43.76 13.49 -17.11
CA LEU C 125 45.21 13.34 -17.18
C LEU C 125 45.62 13.61 -18.62
N ASP C 126 46.35 14.70 -18.84
CA ASP C 126 46.74 15.12 -20.17
C ASP C 126 47.97 14.31 -20.57
N ARG C 127 47.75 13.32 -21.45
CA ARG C 127 48.83 12.41 -21.84
C ARG C 127 50.06 13.20 -22.29
N ALA C 128 49.87 14.08 -23.27
CA ALA C 128 50.96 14.90 -23.77
C ALA C 128 51.66 15.66 -22.64
N MET C 129 51.00 16.68 -22.11
CA MET C 129 51.63 17.58 -21.15
C MET C 129 52.11 16.87 -19.88
N GLY C 130 51.65 15.65 -19.63
CA GLY C 130 52.13 14.92 -18.47
C GLY C 130 51.72 15.47 -17.13
N CYS C 131 50.50 16.00 -17.02
CA CYS C 131 49.99 16.49 -15.74
C CYS C 131 48.48 16.53 -15.81
N PRO C 132 47.80 16.60 -14.67
CA PRO C 132 46.35 16.82 -14.70
C PRO C 132 46.05 18.21 -15.25
N VAL C 133 44.94 18.30 -15.98
CA VAL C 133 44.50 19.56 -16.57
C VAL C 133 43.00 19.72 -16.29
N ILE C 134 42.60 20.93 -15.93
CA ILE C 134 41.19 21.30 -15.82
C ILE C 134 40.81 22.09 -17.06
N ILE C 135 39.84 21.57 -17.81
CA ILE C 135 39.32 22.22 -19.00
C ILE C 135 37.92 22.71 -18.71
N ALA C 136 37.62 23.95 -19.10
CA ALA C 136 36.30 24.52 -18.89
C ALA C 136 36.00 25.57 -19.95
N THR C 137 34.75 25.61 -20.40
CA THR C 137 34.27 26.67 -21.28
C THR C 137 32.88 27.07 -20.82
N SER C 138 32.58 28.36 -20.95
CA SER C 138 31.30 28.89 -20.47
C SER C 138 30.14 28.57 -21.39
N GLN C 139 30.34 27.69 -22.36
CA GLN C 139 29.29 27.28 -23.29
C GLN C 139 29.13 25.77 -23.16
N GLY C 140 28.23 25.35 -22.25
CA GLY C 140 27.99 23.97 -21.96
C GLY C 140 26.60 23.52 -22.38
N GLY C 141 26.37 22.22 -22.25
CA GLY C 141 25.12 21.61 -22.67
C GLY C 141 25.27 20.77 -23.92
N GLU C 153 32.08 30.06 -26.57
CA GLU C 153 33.02 31.04 -26.05
C GLU C 153 34.39 30.39 -25.86
N CYS C 154 35.38 31.21 -25.50
CA CYS C 154 36.74 30.75 -25.27
C CYS C 154 36.76 29.52 -24.37
N LEU C 155 37.80 28.70 -24.56
CA LEU C 155 38.03 27.49 -23.78
C LEU C 155 39.27 27.69 -22.91
N PHE C 156 39.11 27.48 -21.61
CA PHE C 156 40.19 27.69 -20.65
C PHE C 156 40.80 26.36 -20.22
N LYS C 157 42.13 26.35 -20.08
CA LYS C 157 42.90 25.17 -19.73
C LYS C 157 43.82 25.52 -18.58
N VAL C 158 43.75 24.74 -17.51
CA VAL C 158 44.48 25.03 -16.29
C VAL C 158 45.39 23.85 -15.97
N PRO C 159 46.70 23.95 -16.20
CA PRO C 159 47.60 22.87 -15.78
C PRO C 159 47.64 22.80 -14.26
N ILE C 160 47.71 21.59 -13.73
CA ILE C 160 47.64 21.35 -12.29
C ILE C 160 48.98 20.76 -11.86
N SER C 161 49.51 21.28 -10.75
CA SER C 161 50.70 20.69 -10.14
C SER C 161 50.41 19.26 -9.71
N VAL C 162 51.24 18.33 -10.18
CA VAL C 162 51.01 16.92 -9.89
C VAL C 162 51.13 16.66 -8.39
N LYS C 163 52.04 17.36 -7.72
CA LYS C 163 52.29 17.13 -6.31
C LYS C 163 51.39 17.97 -5.40
N ASN C 164 51.12 19.21 -5.79
CA ASN C 164 50.38 20.14 -4.94
C ASN C 164 48.89 20.22 -5.28
N GLY C 165 48.46 19.63 -6.39
CA GLY C 165 47.08 19.78 -6.81
C GLY C 165 46.78 21.22 -7.17
N PRO C 166 45.53 21.51 -7.50
CA PRO C 166 45.18 22.89 -7.87
C PRO C 166 45.38 23.85 -6.70
N THR C 167 45.79 25.07 -7.04
CA THR C 167 45.94 26.13 -6.06
C THR C 167 44.68 27.00 -6.00
N ASN C 168 44.50 27.66 -4.85
CA ASN C 168 43.33 28.53 -4.70
C ASN C 168 43.33 29.64 -5.72
N GLU C 169 44.51 30.19 -6.05
CA GLU C 169 44.57 31.29 -7.01
C GLU C 169 44.14 30.83 -8.40
N GLN C 170 44.52 29.62 -8.81
CA GLN C 170 44.10 29.10 -10.10
C GLN C 170 42.59 28.98 -10.16
N LEU C 171 41.97 28.45 -9.09
CA LEU C 171 40.54 28.21 -9.10
C LEU C 171 39.75 29.51 -9.08
N VAL C 172 40.22 30.51 -8.33
CA VAL C 172 39.55 31.82 -8.35
C VAL C 172 39.63 32.43 -9.74
N LYS C 173 40.80 32.37 -10.37
CA LYS C 173 40.96 32.91 -11.71
C LYS C 173 40.07 32.18 -12.71
N LEU C 174 40.02 30.85 -12.63
CA LEU C 174 39.15 30.09 -13.52
C LEU C 174 37.69 30.51 -13.35
N ALA C 175 37.26 30.69 -12.09
CA ALA C 175 35.87 31.10 -11.86
C ALA C 175 35.58 32.45 -12.52
N LYS C 176 36.51 33.40 -12.39
CA LYS C 176 36.32 34.70 -13.00
C LYS C 176 36.44 34.63 -14.53
N ASP C 177 37.32 33.76 -15.04
CA ASP C 177 37.40 33.56 -16.48
C ASP C 177 36.09 33.03 -17.04
N LEU C 178 35.33 32.28 -16.24
CA LEU C 178 34.05 31.75 -16.67
C LEU C 178 32.90 32.72 -16.47
N GLY C 179 33.17 33.89 -15.91
CA GLY C 179 32.15 34.92 -15.79
C GLY C 179 31.43 35.00 -14.46
N LEU C 180 31.97 34.38 -13.41
CA LEU C 180 31.31 34.34 -12.12
C LEU C 180 31.73 35.50 -11.22
N GLU C 181 30.79 35.92 -10.37
CA GLU C 181 31.02 36.97 -9.40
C GLU C 181 30.25 36.66 -8.12
N GLY C 182 30.57 37.39 -7.05
CA GLY C 182 29.86 37.23 -5.80
C GLY C 182 30.13 35.88 -5.16
N ASP C 183 29.11 35.36 -4.47
CA ASP C 183 29.24 34.08 -3.79
C ASP C 183 29.55 32.94 -4.75
N LEU C 184 29.17 33.07 -6.02
CA LEU C 184 29.39 31.98 -6.97
C LEU C 184 30.87 31.72 -7.21
N VAL C 185 31.74 32.71 -6.98
CA VAL C 185 33.17 32.50 -7.17
C VAL C 185 33.67 31.42 -6.23
N GLN C 186 33.47 31.62 -4.92
CA GLN C 186 33.93 30.64 -3.94
C GLN C 186 33.17 29.33 -4.06
N ASP C 187 31.88 29.41 -4.40
CA ASP C 187 31.09 28.22 -4.64
C ASP C 187 31.70 27.37 -5.74
N CYS C 188 32.11 28.00 -6.84
CA CYS C 188 32.78 27.28 -7.91
C CYS C 188 34.12 26.71 -7.43
N VAL C 189 34.88 27.49 -6.66
CA VAL C 189 36.16 27.01 -6.14
C VAL C 189 35.96 25.71 -5.35
N ASP C 190 35.02 25.73 -4.40
CA ASP C 190 34.79 24.56 -3.56
C ASP C 190 34.38 23.35 -4.40
N ASN C 191 33.54 23.56 -5.40
CA ASN C 191 33.04 22.43 -6.18
C ASN C 191 34.11 21.83 -7.06
N VAL C 192 34.97 22.65 -7.66
CA VAL C 192 36.06 22.11 -8.47
C VAL C 192 37.09 21.42 -7.58
N LYS C 193 37.36 21.98 -6.40
CA LYS C 193 38.21 21.29 -5.44
C LYS C 193 37.69 19.89 -5.18
N ALA C 194 36.39 19.76 -4.95
CA ALA C 194 35.80 18.45 -4.70
C ALA C 194 35.91 17.55 -5.91
N LEU C 195 35.71 18.11 -7.12
CA LEU C 195 35.84 17.32 -8.34
C LEU C 195 37.26 16.83 -8.53
N TYR C 196 38.25 17.66 -8.19
CA TYR C 196 39.64 17.22 -8.31
C TYR C 196 39.95 16.12 -7.32
N GLN C 197 39.43 16.22 -6.10
CA GLN C 197 39.60 15.15 -5.12
C GLN C 197 39.01 13.83 -5.63
N VAL C 198 37.84 13.90 -6.27
CA VAL C 198 37.31 12.70 -6.91
C VAL C 198 38.32 12.19 -7.93
N PHE C 199 38.81 13.09 -8.79
CA PHE C 199 39.78 12.71 -9.81
C PHE C 199 41.03 12.11 -9.19
N ASP C 200 41.60 12.79 -8.19
CA ASP C 200 42.88 12.35 -7.65
C ASP C 200 42.74 11.11 -6.79
N LYS C 201 41.82 11.13 -5.83
CA LYS C 201 41.75 10.07 -4.83
C LYS C 201 41.10 8.79 -5.35
N CYS C 202 40.41 8.85 -6.50
CA CYS C 202 39.82 7.66 -7.10
C CYS C 202 40.58 7.17 -8.31
N ASP C 203 41.77 7.69 -8.58
CA ASP C 203 42.58 7.29 -9.74
C ASP C 203 41.72 7.23 -11.00
N SER C 204 40.99 8.32 -11.25
CA SER C 204 40.13 8.42 -12.42
C SER C 204 40.92 8.86 -13.63
N THR C 205 40.48 8.40 -14.80
CA THR C 205 41.06 8.85 -16.05
C THR C 205 40.41 10.11 -16.58
N MET C 206 39.20 10.43 -16.12
CA MET C 206 38.48 11.61 -16.53
C MET C 206 37.30 11.82 -15.60
N VAL C 207 37.09 13.05 -15.18
CA VAL C 207 35.86 13.47 -14.49
C VAL C 207 35.25 14.56 -15.36
N GLU C 208 34.13 14.25 -16.03
CA GLU C 208 33.50 15.16 -16.97
C GLU C 208 32.13 15.56 -16.45
N ILE C 209 31.93 16.86 -16.28
CA ILE C 209 30.67 17.43 -15.82
C ILE C 209 30.12 18.27 -16.96
N ASN C 210 29.06 17.79 -17.61
CA ASN C 210 28.50 18.46 -18.77
C ASN C 210 26.98 18.35 -18.69
N PRO C 211 26.28 19.36 -18.15
CA PRO C 211 26.78 20.65 -17.69
C PRO C 211 27.06 20.77 -16.19
N LEU C 212 28.06 21.58 -15.87
CA LEU C 212 28.21 22.17 -14.56
C LEU C 212 27.39 23.45 -14.56
N GLY C 213 26.35 23.50 -13.75
CA GLY C 213 25.36 24.55 -13.85
C GLY C 213 25.42 25.59 -12.74
N VAL C 214 24.97 26.79 -13.07
CA VAL C 214 24.49 27.75 -12.09
C VAL C 214 22.98 27.59 -12.08
N ILE C 215 22.44 27.11 -10.96
CA ILE C 215 21.01 26.88 -10.84
C ILE C 215 20.48 27.79 -9.74
N GLU C 216 19.16 27.99 -9.76
CA GLU C 216 18.47 28.66 -8.68
C GLU C 216 17.85 27.62 -7.76
N THR C 217 17.98 27.84 -6.46
CA THR C 217 17.28 27.03 -5.50
C THR C 217 15.80 27.44 -5.50
N PRO C 218 14.95 26.69 -4.80
CA PRO C 218 13.54 27.08 -4.74
C PRO C 218 13.31 28.46 -4.14
N THR C 219 14.24 28.97 -3.33
CA THR C 219 14.14 30.33 -2.81
C THR C 219 15.07 31.31 -3.54
N ASP C 220 15.46 30.97 -4.78
CA ASP C 220 16.09 31.90 -5.72
C ASP C 220 17.55 32.20 -5.40
N GLU C 221 18.21 31.36 -4.61
CA GLU C 221 19.66 31.50 -4.44
C GLU C 221 20.40 30.84 -5.60
N LYS C 222 21.45 31.50 -6.07
CA LYS C 222 22.26 30.97 -7.17
C LYS C 222 23.36 30.09 -6.60
N VAL C 223 23.41 28.83 -7.02
CA VAL C 223 24.43 27.91 -6.55
C VAL C 223 24.98 27.11 -7.72
N ILE C 224 26.23 26.65 -7.57
CA ILE C 224 26.86 25.74 -8.51
C ILE C 224 26.33 24.34 -8.27
N CYS C 225 26.08 23.60 -9.35
CA CYS C 225 25.56 22.24 -9.20
C CYS C 225 25.91 21.41 -10.42
N CYS C 226 26.42 20.19 -10.18
CA CYS C 226 26.62 19.23 -11.25
C CYS C 226 25.28 18.66 -11.69
N LEU C 227 24.89 18.89 -12.94
CA LEU C 227 23.65 18.38 -13.47
C LEU C 227 23.83 17.13 -14.32
N ASP C 228 25.07 16.79 -14.64
CA ASP C 228 25.41 15.55 -15.32
C ASP C 228 26.79 15.16 -14.80
N ALA C 229 27.15 13.88 -14.94
CA ALA C 229 28.46 13.46 -14.49
C ALA C 229 28.84 12.16 -15.18
N LYS C 230 30.08 12.13 -15.68
CA LYS C 230 30.66 10.96 -16.31
C LYS C 230 32.07 10.79 -15.77
N ILE C 231 32.33 9.68 -15.11
CA ILE C 231 33.63 9.38 -14.53
C ILE C 231 34.15 8.07 -15.12
N ALA C 232 35.39 8.07 -15.56
CA ALA C 232 36.01 6.92 -16.20
C ALA C 232 37.13 6.39 -15.31
N PHE C 233 37.41 5.09 -15.45
CA PHE C 233 38.51 4.46 -14.71
C PHE C 233 39.30 3.49 -15.59
N MET D 1 -11.19 17.16 19.65
CA MET D 1 -9.75 16.79 19.51
C MET D 1 -9.25 17.19 18.13
N ASN D 2 -8.09 17.83 18.11
CA ASN D 2 -7.42 18.22 16.87
C ASN D 2 -6.34 17.20 16.54
N ILE D 3 -6.06 17.06 15.24
CA ILE D 3 -4.96 16.23 14.79
C ILE D 3 -3.80 17.13 14.40
N HIS D 4 -2.63 16.54 14.23
CA HIS D 4 -1.43 17.33 13.98
C HIS D 4 -1.43 17.90 12.56
N GLU D 5 -0.57 18.90 12.37
CA GLU D 5 -0.46 19.55 11.06
C GLU D 5 -0.22 18.54 9.94
N TRP D 6 0.80 17.70 10.08
CA TRP D 6 1.19 16.84 8.96
C TRP D 6 0.11 15.83 8.64
N GLN D 7 -0.63 15.37 9.64
CA GLN D 7 -1.76 14.48 9.39
C GLN D 7 -2.86 15.20 8.63
N SER D 8 -3.16 16.43 9.02
CA SER D 8 -4.17 17.22 8.33
C SER D 8 -3.78 17.46 6.88
N LYS D 9 -2.50 17.77 6.62
CA LYS D 9 -2.05 18.04 5.27
C LYS D 9 -2.11 16.79 4.39
N GLN D 10 -1.76 15.63 4.94
CA GLN D 10 -1.87 14.40 4.18
C GLN D 10 -3.32 14.10 3.84
N LEU D 11 -4.23 14.41 4.78
CA LEU D 11 -5.65 14.23 4.52
C LEU D 11 -6.12 15.16 3.40
N ILE D 12 -5.65 16.40 3.41
CA ILE D 12 -5.99 17.34 2.33
C ILE D 12 -5.46 16.83 1.00
N GLN D 13 -4.23 16.31 0.98
CA GLN D 13 -3.66 15.80 -0.26
C GLN D 13 -4.47 14.64 -0.81
N LYS D 14 -4.98 13.78 0.07
CA LYS D 14 -5.76 12.64 -0.39
C LYS D 14 -7.00 13.07 -1.17
N TYR D 15 -7.60 14.21 -0.80
CA TYR D 15 -8.78 14.71 -1.48
C TYR D 15 -8.45 15.68 -2.60
N GLY D 16 -7.19 15.74 -3.02
CA GLY D 16 -6.80 16.51 -4.18
C GLY D 16 -6.34 17.91 -3.89
N GLY D 17 -6.21 18.29 -2.62
CA GLY D 17 -5.67 19.58 -2.28
C GLY D 17 -4.15 19.59 -2.35
N ARG D 18 -3.60 20.78 -2.60
CA ARG D 18 -2.16 20.97 -2.57
C ARG D 18 -1.76 21.44 -1.18
N ALA D 19 -0.99 20.64 -0.46
CA ALA D 19 -0.55 20.97 0.88
C ALA D 19 0.86 20.41 1.11
N GLN D 20 1.69 21.19 1.80
CA GLN D 20 3.07 20.78 2.05
C GLN D 20 3.12 19.94 3.32
N SER D 21 2.95 18.63 3.17
CA SER D 21 3.03 17.72 4.30
C SER D 21 4.46 17.45 4.75
N GLY D 22 5.45 17.75 3.91
CA GLY D 22 6.83 17.50 4.27
C GLY D 22 7.05 16.05 4.65
N GLU D 23 7.83 15.83 5.71
CA GLU D 23 8.05 14.51 6.27
C GLU D 23 8.33 14.66 7.76
N VAL D 24 7.81 13.73 8.54
CA VAL D 24 7.90 13.80 9.99
C VAL D 24 9.10 13.00 10.47
N ALA D 25 9.67 13.46 11.58
CA ALA D 25 10.80 12.80 12.21
C ALA D 25 10.60 12.83 13.72
N PHE D 26 10.95 11.72 14.37
CA PHE D 26 10.86 11.63 15.82
C PHE D 26 12.22 11.73 16.51
N SER D 27 13.28 11.98 15.74
CA SER D 27 14.62 12.16 16.26
C SER D 27 15.33 13.21 15.42
N PRO D 28 16.34 13.88 16.00
CA PRO D 28 17.11 14.84 15.18
C PRO D 28 17.93 14.15 14.10
N GLU D 29 18.37 12.90 14.31
CA GLU D 29 19.11 12.20 13.27
C GLU D 29 18.24 12.02 12.03
N ARG D 30 16.99 11.58 12.22
CA ARG D 30 16.10 11.40 11.09
C ARG D 30 15.75 12.74 10.44
N SER D 31 15.60 13.80 11.25
CA SER D 31 15.34 15.12 10.70
C SER D 31 16.46 15.53 9.75
N ARG D 32 17.71 15.30 10.17
CA ARG D 32 18.85 15.62 9.33
C ARG D 32 18.86 14.77 8.07
N ASP D 33 18.54 13.48 8.20
CA ASP D 33 18.54 12.60 7.03
C ASP D 33 17.50 13.02 6.00
N ILE D 34 16.34 13.48 6.46
CA ILE D 34 15.32 13.97 5.53
C ILE D 34 15.87 15.14 4.73
N ALA D 35 16.48 16.11 5.42
CA ALA D 35 17.01 17.29 4.75
C ALA D 35 18.12 16.92 3.77
N LYS D 36 19.02 16.01 4.18
CA LYS D 36 20.12 15.61 3.31
C LYS D 36 19.59 14.93 2.06
N LYS D 37 18.57 14.08 2.20
CA LYS D 37 18.00 13.43 1.03
C LYS D 37 17.33 14.44 0.11
N LEU D 38 16.71 15.48 0.68
CA LEU D 38 16.05 16.49 -0.14
C LEU D 38 17.07 17.29 -0.94
N TRP D 39 18.30 17.41 -0.45
CA TRP D 39 19.35 18.07 -1.21
C TRP D 39 19.74 17.28 -2.45
N ASN D 40 19.38 15.99 -2.53
CA ASN D 40 19.59 15.24 -3.76
C ASN D 40 18.66 15.71 -4.87
N GLN D 41 17.49 16.23 -4.52
CA GLN D 41 16.49 16.64 -5.49
C GLN D 41 16.53 18.13 -5.79
N PHE D 42 16.72 18.97 -4.77
CA PHE D 42 16.82 20.42 -4.96
C PHE D 42 18.07 20.89 -4.24
N PRO D 43 19.24 20.69 -4.85
CA PRO D 43 20.50 21.05 -4.19
C PRO D 43 20.55 22.51 -3.81
N GLY D 44 21.06 22.77 -2.61
CA GLY D 44 21.17 24.12 -2.12
C GLY D 44 19.91 24.70 -1.52
N CYS D 45 18.80 23.97 -1.54
CA CYS D 45 17.57 24.50 -0.97
C CYS D 45 17.73 24.72 0.53
N GLU D 46 16.85 25.57 1.06
CA GLU D 46 16.74 25.79 2.49
C GLU D 46 15.59 24.95 3.03
N PHE D 47 15.49 24.90 4.36
CA PHE D 47 14.54 24.04 5.03
C PHE D 47 13.77 24.82 6.09
N VAL D 48 12.60 24.30 6.42
CA VAL D 48 11.80 24.81 7.53
C VAL D 48 11.49 23.63 8.45
N VAL D 49 11.73 23.81 9.74
CA VAL D 49 11.48 22.79 10.75
C VAL D 49 10.27 23.25 11.57
N LYS D 50 9.24 22.42 11.64
CA LYS D 50 7.97 22.79 12.24
C LYS D 50 7.63 21.81 13.37
N ALA D 51 7.59 22.32 14.60
CA ALA D 51 7.20 21.49 15.74
C ALA D 51 5.77 21.00 15.56
N GLN D 52 5.59 19.69 15.71
CA GLN D 52 4.28 19.06 15.59
C GLN D 52 3.71 18.94 17.00
N VAL D 53 2.95 19.95 17.39
CA VAL D 53 2.27 19.99 18.69
C VAL D 53 0.84 20.45 18.44
N LEU D 54 -0.07 20.02 19.33
CA LEU D 54 -1.48 20.39 19.21
C LEU D 54 -1.68 21.77 19.84
N ALA D 55 -1.21 22.79 19.12
CA ALA D 55 -1.31 24.17 19.58
C ALA D 55 -0.93 25.10 18.44
N GLY D 56 -1.54 26.28 18.45
CA GLY D 56 -1.22 27.32 17.49
C GLY D 56 -0.18 28.29 18.00
N GLY D 57 0.09 29.32 17.19
CA GLY D 57 1.06 30.33 17.54
C GLY D 57 2.49 29.85 17.62
N ARG D 58 2.83 28.78 16.91
CA ARG D 58 4.17 28.20 17.01
C ARG D 58 5.24 29.16 16.51
N GLY D 59 4.98 29.85 15.38
CA GLY D 59 6.01 30.65 14.76
C GLY D 59 6.60 31.69 15.68
N LYS D 60 5.76 32.34 16.49
CA LYS D 60 6.22 33.39 17.39
C LYS D 60 6.43 32.90 18.82
N GLY D 61 6.28 31.60 19.08
CA GLY D 61 6.53 31.05 20.39
C GLY D 61 8.01 30.89 20.66
N HIS D 62 8.30 30.34 21.84
CA HIS D 62 9.68 30.14 22.27
C HIS D 62 9.73 28.88 23.12
N TRP D 63 10.93 28.32 23.26
CA TRP D 63 11.12 27.10 24.01
C TRP D 63 11.70 27.38 25.39
N GLU D 64 11.44 26.45 26.31
CA GLU D 64 11.83 26.62 27.71
C GLU D 64 13.31 26.99 27.84
N HIS D 65 14.16 26.43 26.99
CA HIS D 65 15.60 26.60 27.13
C HIS D 65 16.16 27.77 26.30
N GLY D 66 15.30 28.60 25.71
CA GLY D 66 15.74 29.85 25.11
C GLY D 66 15.57 29.95 23.61
N MET D 67 15.41 28.84 22.89
CA MET D 67 15.29 28.93 21.43
C MET D 67 14.02 29.69 21.06
N GLN D 68 14.14 30.52 20.03
CA GLN D 68 13.02 31.33 19.56
C GLN D 68 12.41 30.68 18.32
N GLY D 69 11.10 30.45 18.37
CA GLY D 69 10.37 29.98 17.21
C GLY D 69 10.08 28.50 17.21
N GLY D 70 8.83 28.13 16.93
CA GLY D 70 8.44 26.76 16.68
C GLY D 70 8.39 26.43 15.21
N VAL D 71 8.62 27.43 14.35
CA VAL D 71 8.72 27.25 12.90
C VAL D 71 9.98 28.00 12.48
N LYS D 72 11.05 27.27 12.15
CA LYS D 72 12.39 27.83 12.02
C LYS D 72 13.00 27.49 10.68
N LEU D 73 13.63 28.49 10.06
CA LEU D 73 14.39 28.30 8.83
C LEU D 73 15.76 27.72 9.14
N ALA D 74 16.22 26.82 8.28
CA ALA D 74 17.52 26.17 8.42
C ALA D 74 18.18 26.08 7.05
N LYS D 75 19.47 26.44 6.98
CA LYS D 75 20.15 26.47 5.70
C LYS D 75 20.80 25.15 5.31
N THR D 76 21.01 24.24 6.26
CA THR D 76 21.71 23.00 5.98
C THR D 76 21.08 21.86 6.77
N PRO D 77 21.36 20.62 6.38
CA PRO D 77 20.87 19.49 7.20
C PRO D 77 21.42 19.48 8.61
N GLU D 78 22.64 19.99 8.82
CA GLU D 78 23.19 20.02 10.17
C GLU D 78 22.50 21.09 11.02
N GLU D 79 22.12 22.22 10.42
CA GLU D 79 21.29 23.17 11.14
C GLU D 79 19.92 22.58 11.45
N VAL D 80 19.41 21.70 10.57
CA VAL D 80 18.16 20.99 10.86
C VAL D 80 18.33 20.09 12.07
N TYR D 81 19.45 19.38 12.16
CA TYR D 81 19.71 18.54 13.32
C TYR D 81 19.65 19.38 14.60
N GLU D 82 20.39 20.50 14.62
CA GLU D 82 20.47 21.31 15.83
C GLU D 82 19.09 21.80 16.25
N ILE D 83 18.31 22.31 15.30
CA ILE D 83 17.01 22.86 15.61
C ILE D 83 16.06 21.77 16.09
N ALA D 84 16.03 20.65 15.37
CA ALA D 84 15.14 19.55 15.74
C ALA D 84 15.53 18.97 17.10
N ASN D 85 16.82 18.97 17.43
CA ASN D 85 17.25 18.46 18.72
C ASN D 85 16.70 19.29 19.87
N GLU D 86 16.54 20.60 19.65
CA GLU D 86 15.95 21.49 20.66
C GLU D 86 14.43 21.54 20.61
N MET D 87 13.78 20.93 19.62
CA MET D 87 12.32 20.84 19.59
C MET D 87 11.83 19.50 20.12
N ILE D 88 12.37 18.41 19.58
CA ILE D 88 11.98 17.07 19.99
C ILE D 88 12.44 16.83 21.41
N GLY D 89 11.52 16.42 22.28
CA GLY D 89 11.84 16.20 23.67
C GLY D 89 11.84 17.43 24.54
N HIS D 90 11.33 18.56 24.04
CA HIS D 90 11.32 19.82 24.78
C HIS D 90 9.93 20.44 24.72
N LYS D 91 9.77 21.52 25.48
CA LYS D 91 8.46 22.15 25.71
C LYS D 91 8.40 23.48 24.98
N LEU D 92 7.34 23.68 24.22
CA LEU D 92 7.12 24.91 23.46
C LEU D 92 6.06 25.76 24.16
N ILE D 93 6.32 27.07 24.23
CA ILE D 93 5.41 28.03 24.84
C ILE D 93 4.89 28.96 23.76
N THR D 94 3.57 29.01 23.60
CA THR D 94 2.93 29.94 22.67
C THR D 94 1.80 30.65 23.41
N LYS D 95 1.15 31.60 22.74
CA LYS D 95 0.04 32.30 23.36
C LYS D 95 -1.15 31.39 23.62
N GLN D 96 -1.30 30.32 22.84
CA GLN D 96 -2.42 29.41 23.00
C GLN D 96 -2.16 28.31 24.03
N THR D 97 -0.91 28.16 24.49
CA THR D 97 -0.60 27.20 25.54
C THR D 97 -0.42 27.84 26.90
N GLY D 98 -0.06 29.11 26.95
CA GLY D 98 0.18 29.76 28.23
C GLY D 98 1.56 29.35 28.71
N ALA D 99 1.91 29.83 29.89
CA ALA D 99 3.22 29.47 30.46
C ALA D 99 3.36 27.97 30.64
N LYS D 100 2.24 27.24 30.69
CA LYS D 100 2.28 25.78 30.80
C LYS D 100 3.02 25.14 29.63
N GLY D 101 3.01 25.77 28.48
CA GLY D 101 3.62 25.24 27.28
C GLY D 101 3.06 23.87 26.90
N ILE D 102 3.66 23.28 25.88
CA ILE D 102 3.23 21.98 25.38
C ILE D 102 4.45 21.18 24.95
N ASN D 103 4.43 19.88 25.21
CA ASN D 103 5.55 19.00 24.88
C ASN D 103 5.56 18.70 23.40
N CYS D 104 6.77 18.60 22.83
CA CYS D 104 6.95 18.29 21.41
C CYS D 104 7.72 16.99 21.30
N ASN D 105 7.15 16.02 20.59
CA ASN D 105 7.75 14.71 20.40
C ASN D 105 8.13 14.42 18.96
N LYS D 106 7.90 15.36 18.05
CA LYS D 106 8.15 15.14 16.63
C LYS D 106 8.12 16.47 15.90
N VAL D 107 8.85 16.53 14.79
CA VAL D 107 8.90 17.71 13.94
C VAL D 107 8.57 17.31 12.51
N MET D 108 8.16 18.30 11.73
CA MET D 108 8.07 18.17 10.28
C MET D 108 9.21 18.95 9.65
N VAL D 109 9.93 18.30 8.74
CA VAL D 109 10.98 18.94 7.94
C VAL D 109 10.42 19.17 6.53
N CYS D 110 10.37 20.43 6.11
CA CYS D 110 9.89 20.75 4.77
C CYS D 110 10.87 21.67 4.05
N GLY D 111 10.69 21.73 2.73
CA GLY D 111 11.44 22.68 1.93
C GLY D 111 10.95 24.10 2.13
N ALA D 112 11.91 25.02 2.16
CA ALA D 112 11.59 26.45 2.23
C ALA D 112 11.13 26.94 0.85
N VAL D 113 10.01 27.66 0.82
CA VAL D 113 9.45 28.17 -0.42
C VAL D 113 9.22 29.67 -0.31
N ASP D 114 9.20 30.33 -1.47
CA ASP D 114 8.88 31.75 -1.55
C ASP D 114 7.36 31.91 -1.49
N ILE D 115 6.88 32.69 -0.53
CA ILE D 115 5.45 32.92 -0.34
C ILE D 115 5.11 34.29 -0.91
N LEU D 116 4.22 34.31 -1.90
CA LEU D 116 3.83 35.57 -2.53
C LEU D 116 2.64 36.22 -1.83
N LYS D 117 1.60 35.44 -1.50
CA LYS D 117 0.46 35.95 -0.76
C LYS D 117 0.03 34.88 0.25
N GLU D 118 -0.52 35.34 1.37
CA GLU D 118 -1.03 34.45 2.41
C GLU D 118 -2.49 34.78 2.69
N PHE D 119 -3.35 33.75 2.64
CA PHE D 119 -4.77 33.88 2.93
C PHE D 119 -5.12 33.07 4.17
N TYR D 120 -6.18 33.50 4.86
CA TYR D 120 -6.84 32.69 5.87
C TYR D 120 -8.07 32.06 5.24
N LEU D 121 -8.28 30.77 5.48
CA LEU D 121 -9.49 30.11 5.00
C LEU D 121 -9.91 29.04 5.99
N SER D 122 -11.18 29.08 6.39
CA SER D 122 -11.73 28.06 7.27
C SER D 122 -13.09 27.60 6.75
N ILE D 123 -13.46 26.40 7.14
CA ILE D 123 -14.79 25.84 6.89
C ILE D 123 -15.32 25.33 8.22
N LEU D 124 -16.49 25.82 8.61
CA LEU D 124 -17.12 25.46 9.87
C LEU D 124 -18.61 25.67 9.78
N LEU D 125 -19.33 25.10 10.75
CA LEU D 125 -20.78 25.23 10.85
C LEU D 125 -21.11 26.57 11.48
N ASP D 126 -21.74 27.45 10.71
CA ASP D 126 -22.08 28.77 11.19
C ASP D 126 -23.42 28.70 11.91
N ARG D 127 -23.43 29.05 13.20
CA ARG D 127 -24.64 28.96 14.00
C ARG D 127 -25.76 29.81 13.40
N ALA D 128 -25.46 31.06 13.08
CA ALA D 128 -26.49 31.97 12.60
C ALA D 128 -27.15 31.45 11.33
N MET D 129 -26.34 31.17 10.31
CA MET D 129 -26.89 30.75 9.02
C MET D 129 -27.37 29.31 9.02
N GLY D 130 -26.96 28.51 10.00
CA GLY D 130 -27.43 27.14 10.09
C GLY D 130 -26.97 26.27 8.94
N CYS D 131 -25.76 26.49 8.44
CA CYS D 131 -25.20 25.70 7.36
C CYS D 131 -23.69 25.83 7.40
N PRO D 132 -22.96 24.99 6.67
CA PRO D 132 -21.51 25.19 6.55
C PRO D 132 -21.22 26.52 5.87
N VAL D 133 -20.14 27.14 6.30
CA VAL D 133 -19.71 28.43 5.78
C VAL D 133 -18.22 28.36 5.48
N ILE D 134 -17.82 28.99 4.38
CA ILE D 134 -16.41 29.20 4.09
C ILE D 134 -16.08 30.63 4.45
N ILE D 135 -15.16 30.80 5.40
CA ILE D 135 -14.66 32.10 5.81
C ILE D 135 -13.26 32.25 5.26
N ALA D 136 -12.97 33.41 4.67
CA ALA D 136 -11.65 33.66 4.10
C ALA D 136 -11.36 35.15 4.12
N THR D 137 -10.08 35.48 4.17
CA THR D 137 -9.65 36.87 4.09
C THR D 137 -8.31 36.94 3.36
N SER D 138 -8.11 38.03 2.63
CA SER D 138 -6.87 38.26 1.91
C SER D 138 -5.75 38.82 2.80
N GLN D 139 -5.93 38.77 4.11
CA GLN D 139 -4.93 39.28 5.05
C GLN D 139 -4.47 38.15 5.95
N GLY D 140 -3.81 37.14 5.36
CA GLY D 140 -3.37 35.97 6.08
C GLY D 140 -2.31 36.24 7.14
N GLY D 141 -1.66 37.40 7.09
CA GLY D 141 -0.74 37.79 8.13
C GLY D 141 -1.40 38.37 9.35
N MET D 142 -2.64 38.84 9.22
CA MET D 142 -3.42 39.38 10.32
C MET D 142 -4.39 38.33 10.83
N GLY D 143 -4.90 38.54 12.04
CA GLY D 143 -5.86 37.64 12.62
C GLY D 143 -7.27 37.86 12.09
N ILE D 144 -8.09 36.81 12.16
CA ILE D 144 -9.45 36.91 11.64
C ILE D 144 -10.23 37.99 12.37
N GLU D 145 -9.90 38.23 13.64
CA GLU D 145 -10.51 39.34 14.37
C GLU D 145 -9.79 40.65 14.14
N GLU D 146 -8.49 40.62 13.85
CA GLU D 146 -7.77 41.81 13.42
C GLU D 146 -8.23 42.32 12.05
N VAL D 147 -9.13 41.60 11.38
CA VAL D 147 -9.62 41.99 10.07
C VAL D 147 -11.07 42.45 10.10
N ALA D 148 -11.88 41.94 11.02
CA ALA D 148 -13.28 42.33 11.10
C ALA D 148 -13.45 43.53 12.03
N LYS D 150 -11.16 45.68 11.46
CA LYS D 150 -10.26 46.75 11.03
C LYS D 150 -10.32 46.94 9.52
N CYS D 151 -10.51 45.85 8.79
CA CYS D 151 -10.65 45.92 7.35
C CYS D 151 -11.61 44.83 6.87
N PRO D 152 -12.88 44.87 7.29
CA PRO D 152 -13.85 43.87 6.81
C PRO D 152 -13.98 43.82 5.31
N GLU D 153 -13.43 44.81 4.59
CA GLU D 153 -13.44 44.77 3.13
C GLU D 153 -12.72 43.55 2.58
N CYS D 154 -11.75 43.02 3.34
CA CYS D 154 -10.98 41.87 2.91
C CYS D 154 -11.54 40.55 3.42
N LEU D 155 -12.63 40.57 4.19
CA LEU D 155 -13.19 39.36 4.75
C LEU D 155 -14.44 38.94 3.97
N PHE D 156 -14.56 37.63 3.72
CA PHE D 156 -15.64 37.10 2.92
C PHE D 156 -16.21 35.86 3.60
N LYS D 157 -17.53 35.74 3.56
CA LYS D 157 -18.25 34.65 4.21
C LYS D 157 -19.22 34.06 3.20
N VAL D 158 -19.08 32.76 2.93
CA VAL D 158 -19.81 32.12 1.85
C VAL D 158 -20.62 30.94 2.36
N PRO D 159 -21.96 31.03 2.40
CA PRO D 159 -22.77 29.87 2.79
C PRO D 159 -22.70 28.77 1.75
N ILE D 160 -22.72 27.52 2.23
CA ILE D 160 -22.63 26.35 1.37
C ILE D 160 -23.89 25.52 1.53
N SER D 161 -24.50 25.14 0.42
CA SER D 161 -25.57 24.15 0.44
C SER D 161 -24.99 22.79 0.82
N VAL D 162 -25.54 22.17 1.86
CA VAL D 162 -25.00 20.90 2.33
C VAL D 162 -25.23 19.79 1.31
N LYS D 163 -26.37 19.82 0.62
CA LYS D 163 -26.70 18.74 -0.32
C LYS D 163 -26.08 18.98 -1.69
N ASN D 164 -25.98 20.24 -2.12
CA ASN D 164 -25.41 20.56 -3.42
C ASN D 164 -23.92 20.89 -3.34
N GLY D 165 -23.38 21.06 -2.14
CA GLY D 165 -22.01 21.46 -1.96
C GLY D 165 -21.80 22.85 -2.53
N PRO D 166 -20.57 23.36 -2.45
CA PRO D 166 -20.30 24.68 -3.03
C PRO D 166 -20.46 24.63 -4.54
N THR D 167 -20.92 25.74 -5.09
CA THR D 167 -21.04 25.85 -6.53
C THR D 167 -19.79 26.49 -7.12
N ASN D 168 -19.55 26.21 -8.40
CA ASN D 168 -18.41 26.81 -9.10
C ASN D 168 -18.50 28.33 -9.08
N GLU D 169 -19.70 28.87 -9.19
CA GLU D 169 -19.86 30.33 -9.20
C GLU D 169 -19.47 30.94 -7.86
N GLN D 170 -19.83 30.28 -6.76
CA GLN D 170 -19.41 30.75 -5.44
C GLN D 170 -17.89 30.72 -5.31
N LEU D 171 -17.27 29.60 -5.69
CA LEU D 171 -15.83 29.45 -5.50
C LEU D 171 -15.06 30.34 -6.44
N VAL D 172 -15.51 30.46 -7.70
CA VAL D 172 -14.88 31.40 -8.61
C VAL D 172 -15.03 32.82 -8.07
N LYS D 173 -16.20 33.14 -7.53
CA LYS D 173 -16.43 34.46 -6.95
C LYS D 173 -15.49 34.70 -5.77
N LEU D 174 -15.37 33.71 -4.88
CA LEU D 174 -14.46 33.84 -3.74
C LEU D 174 -13.01 34.00 -4.21
N ALA D 175 -12.60 33.22 -5.21
CA ALA D 175 -11.22 33.32 -5.69
C ALA D 175 -10.90 34.72 -6.20
N LYS D 176 -11.82 35.31 -6.96
CA LYS D 176 -11.60 36.66 -7.46
C LYS D 176 -11.71 37.70 -6.35
N ASP D 177 -12.61 37.46 -5.37
CA ASP D 177 -12.71 38.36 -4.23
C ASP D 177 -11.41 38.42 -3.44
N LEU D 178 -10.62 37.35 -3.46
CA LEU D 178 -9.34 37.32 -2.75
C LEU D 178 -8.20 37.93 -3.57
N GLY D 179 -8.46 38.33 -4.81
CA GLY D 179 -7.47 38.99 -5.62
C GLY D 179 -6.73 38.11 -6.60
N LEU D 180 -7.22 36.91 -6.87
CA LEU D 180 -6.53 35.98 -7.73
C LEU D 180 -6.96 36.17 -9.18
N GLU D 181 -6.02 35.90 -10.09
CA GLU D 181 -6.28 36.03 -11.52
C GLU D 181 -5.56 34.91 -12.25
N GLY D 182 -5.93 34.72 -13.52
CA GLY D 182 -5.26 33.74 -14.34
C GLY D 182 -5.52 32.32 -13.85
N ASP D 183 -4.51 31.47 -14.02
CA ASP D 183 -4.63 30.07 -13.61
C ASP D 183 -4.86 29.93 -12.10
N LEU D 184 -4.46 30.91 -11.30
CA LEU D 184 -4.61 30.81 -9.85
C LEU D 184 -6.07 30.78 -9.42
N VAL D 185 -6.98 31.34 -10.22
CA VAL D 185 -8.40 31.31 -9.87
C VAL D 185 -8.89 29.86 -9.79
N GLN D 186 -8.73 29.11 -10.89
CA GLN D 186 -9.19 27.73 -10.92
C GLN D 186 -8.39 26.85 -9.96
N ASP D 187 -7.10 27.15 -9.77
CA ASP D 187 -6.31 26.45 -8.76
C ASP D 187 -6.93 26.60 -7.38
N CYS D 188 -7.33 27.83 -7.03
CA CYS D 188 -8.00 28.06 -5.76
C CYS D 188 -9.31 27.31 -5.67
N VAL D 189 -10.11 27.33 -6.75
CA VAL D 189 -11.37 26.61 -6.77
C VAL D 189 -11.15 25.13 -6.46
N ASP D 190 -10.20 24.50 -7.15
CA ASP D 190 -9.94 23.08 -6.93
C ASP D 190 -9.55 22.81 -5.48
N ASN D 191 -8.73 23.68 -4.90
CA ASN D 191 -8.25 23.43 -3.54
C ASN D 191 -9.36 23.64 -2.52
N VAL D 192 -10.21 24.64 -2.70
CA VAL D 192 -11.31 24.84 -1.76
C VAL D 192 -12.32 23.71 -1.90
N LYS D 193 -12.56 23.24 -3.13
CA LYS D 193 -13.41 22.06 -3.32
C LYS D 193 -12.89 20.89 -2.50
N ALA D 194 -11.58 20.63 -2.57
CA ALA D 194 -11.00 19.53 -1.82
C ALA D 194 -11.13 19.78 -0.31
N LEU D 195 -10.96 21.02 0.11
CA LEU D 195 -11.08 21.34 1.53
C LEU D 195 -12.49 21.06 2.03
N TYR D 196 -13.51 21.38 1.23
CA TYR D 196 -14.88 21.07 1.63
C TYR D 196 -15.12 19.57 1.66
N GLN D 197 -14.59 18.84 0.68
CA GLN D 197 -14.75 17.39 0.70
C GLN D 197 -14.14 16.79 1.96
N VAL D 198 -12.98 17.31 2.39
CA VAL D 198 -12.42 16.90 3.68
C VAL D 198 -13.41 17.20 4.80
N PHE D 199 -13.88 18.45 4.85
CA PHE D 199 -14.82 18.86 5.91
C PHE D 199 -16.06 17.97 5.90
N ASP D 200 -16.66 17.78 4.72
CA ASP D 200 -17.92 17.06 4.64
C ASP D 200 -17.72 15.56 4.82
N LYS D 201 -16.80 14.96 4.06
CA LYS D 201 -16.68 13.51 4.06
C LYS D 201 -15.97 12.96 5.29
N CYS D 202 -15.27 13.79 6.05
CA CYS D 202 -14.61 13.34 7.28
C CYS D 202 -15.33 13.80 8.54
N ASP D 203 -16.54 14.35 8.40
CA ASP D 203 -17.34 14.80 9.55
C ASP D 203 -16.50 15.64 10.50
N SER D 204 -15.83 16.64 9.94
CA SER D 204 -15.00 17.56 10.70
C SER D 204 -15.85 18.70 11.26
N THR D 205 -15.43 19.20 12.42
CA THR D 205 -16.05 20.39 13.00
C THR D 205 -15.41 21.68 12.51
N MET D 206 -14.19 21.62 11.96
CA MET D 206 -13.54 22.81 11.42
C MET D 206 -12.33 22.37 10.59
N VAL D 207 -12.19 23.00 9.42
CA VAL D 207 -10.99 22.91 8.61
C VAL D 207 -10.45 24.33 8.46
N GLU D 208 -9.33 24.61 9.12
CA GLU D 208 -8.74 25.94 9.13
C GLU D 208 -7.38 25.89 8.48
N ILE D 209 -7.18 26.71 7.45
CA ILE D 209 -5.92 26.80 6.72
C ILE D 209 -5.39 28.21 6.94
N ASN D 210 -4.37 28.32 7.79
CA ASN D 210 -3.79 29.61 8.16
C ASN D 210 -2.27 29.45 8.20
N PRO D 211 -1.57 29.73 7.08
CA PRO D 211 -2.07 30.31 5.84
C PRO D 211 -2.29 29.36 4.65
N LEU D 212 -3.30 29.68 3.85
CA LEU D 212 -3.43 29.19 2.50
C LEU D 212 -2.63 30.12 1.60
N GLY D 213 -1.58 29.61 0.98
CA GLY D 213 -0.63 30.48 0.32
C GLY D 213 -0.65 30.45 -1.19
N VAL D 214 -0.20 31.54 -1.79
CA VAL D 214 0.28 31.54 -3.17
C VAL D 214 1.79 31.43 -3.08
N ILE D 215 2.35 30.31 -3.53
CA ILE D 215 3.78 30.07 -3.45
C ILE D 215 4.33 29.94 -4.86
N GLU D 216 5.64 30.08 -4.96
CA GLU D 216 6.36 29.81 -6.19
C GLU D 216 6.96 28.41 -6.11
N THR D 217 6.84 27.66 -7.20
CA THR D 217 7.51 26.39 -7.30
C THR D 217 8.99 26.62 -7.55
N PRO D 218 9.81 25.56 -7.55
CA PRO D 218 11.24 25.75 -7.83
C PRO D 218 11.51 26.33 -9.21
N THR D 219 10.59 26.16 -10.17
CA THR D 219 10.70 26.78 -11.48
C THR D 219 9.77 27.99 -11.62
N ASP D 220 9.37 28.58 -10.49
CA ASP D 220 8.75 29.91 -10.41
C ASP D 220 7.30 29.93 -10.89
N GLU D 221 6.63 28.80 -10.95
CA GLU D 221 5.20 28.77 -11.19
C GLU D 221 4.45 29.10 -9.89
N LYS D 222 3.41 29.93 -10.01
CA LYS D 222 2.60 30.31 -8.86
C LYS D 222 1.47 29.30 -8.67
N VAL D 223 1.38 28.72 -7.48
CA VAL D 223 0.34 27.74 -7.18
C VAL D 223 -0.22 27.99 -5.78
N ILE D 224 -1.47 27.55 -5.59
CA ILE D 224 -2.10 27.55 -4.27
C ILE D 224 -1.56 26.38 -3.47
N CYS D 225 -1.28 26.60 -2.19
CA CYS D 225 -0.75 25.54 -1.35
C CYS D 225 -1.08 25.82 0.12
N CYS D 226 -1.59 24.80 0.80
CA CYS D 226 -1.78 24.91 2.25
C CYS D 226 -0.42 24.84 2.93
N LEU D 227 -0.06 25.91 3.64
CA LEU D 227 1.20 25.97 4.38
C LEU D 227 1.02 25.69 5.86
N ASP D 228 -0.22 25.58 6.32
CA ASP D 228 -0.56 25.15 7.67
C ASP D 228 -1.89 24.44 7.55
N ALA D 229 -2.23 23.63 8.56
CA ALA D 229 -3.51 22.95 8.53
C ALA D 229 -3.91 22.56 9.94
N LYS D 230 -5.16 22.87 10.28
CA LYS D 230 -5.76 22.53 11.57
C LYS D 230 -7.14 21.97 11.30
N ILE D 231 -7.33 20.69 11.64
CA ILE D 231 -8.61 20.01 11.44
C ILE D 231 -9.07 19.48 12.79
N ALA D 232 -10.32 19.75 13.14
CA ALA D 232 -10.89 19.38 14.42
C ALA D 232 -11.97 18.33 14.24
N PHE D 233 -12.18 17.52 15.29
CA PHE D 233 -13.25 16.53 15.32
C PHE D 233 -13.89 16.54 16.69
N ASP D 234 -15.18 16.21 16.72
CA ASP D 234 -15.95 16.20 17.95
C ASP D 234 -17.02 15.11 17.93
PB ADP E . -0.18 -30.11 -12.01
O1B ADP E . 0.13 -31.58 -11.88
O2B ADP E . -1.18 -29.80 -13.12
O3B ADP E . 1.08 -29.26 -12.25
PA ADP E . -0.96 -28.15 -9.95
O1A ADP E . -0.90 -28.29 -8.48
O2A ADP E . 0.12 -27.25 -10.58
O3A ADP E . -0.86 -29.57 -10.68
O5' ADP E . -2.39 -27.56 -10.41
C5' ADP E . -2.69 -27.03 -11.72
C4' ADP E . -3.00 -25.57 -11.58
O4' ADP E . -4.17 -25.37 -10.76
C3' ADP E . -1.94 -24.73 -10.91
O3' ADP E . -0.86 -24.45 -11.79
C2' ADP E . -2.74 -23.47 -10.54
O2' ADP E . -2.83 -22.58 -11.63
C1' ADP E . -4.13 -24.06 -10.23
N9 ADP E . -4.45 -24.12 -8.80
C8 ADP E . -3.79 -24.83 -7.84
N7 ADP E . -4.31 -24.71 -6.63
C5 ADP E . -5.40 -23.86 -6.83
C6 ADP E . -6.36 -23.35 -5.95
N6 ADP E . -6.45 -23.68 -4.66
N1 ADP E . -7.29 -22.51 -6.46
C2 ADP E . -7.25 -22.22 -7.77
N3 ADP E . -6.40 -22.67 -8.70
C4 ADP E . -5.49 -23.49 -8.16
HOB2 ADP E . -0.90 -29.21 -13.86
HOB3 ADP E . 1.85 -29.43 -12.85
HOA2 ADP E . 0.96 -26.94 -10.13
H5'1 ADP E . -1.83 -27.16 -12.37
H5'2 ADP E . -3.55 -27.55 -12.14
H4' ADP E . -3.28 -25.18 -12.57
H3' ADP E . -1.51 -25.21 -10.03
HO3' ADP E . -1.26 -24.04 -12.59
H2' ADP E . -2.31 -23.00 -9.66
HO2' ADP E . -2.67 -21.68 -11.23
H1' ADP E . -4.92 -23.50 -10.73
H8 ADP E . -2.91 -25.43 -8.04
HN61 ADP E . -7.17 -23.27 -4.07
HN62 ADP E . -5.79 -24.34 -4.25
H2 ADP E . -8.02 -21.53 -8.11
MG MG F . 2.25 -27.88 -10.93
PB ADP G . -23.09 -8.48 18.19
O1B ADP G . -23.54 -9.11 19.47
O2B ADP G . -22.07 -7.37 18.40
O3B ADP G . -24.25 -7.91 17.36
PA ADP G . -22.20 -9.80 15.70
O1A ADP G . -22.29 -11.24 15.38
O2A ADP G . -23.29 -8.94 15.02
O3A ADP G . -22.34 -9.56 17.27
O5' ADP G . -20.78 -9.20 15.24
C5' ADP G . -20.28 -7.84 15.33
C4' ADP G . -19.91 -7.36 13.96
O4' ADP G . -18.77 -8.09 13.47
C3' ADP G . -20.96 -7.55 12.88
O3' ADP G . -21.91 -6.49 12.92
C2' ADP G . -20.12 -7.52 11.60
O2' ADP G . -19.95 -6.17 11.15
C1' ADP G . -18.79 -8.12 12.06
N9 ADP G . -18.56 -9.50 11.62
C8 ADP G . -19.28 -10.61 11.98
N7 ADP G . -18.82 -11.72 11.49
C5 ADP G . -17.71 -11.33 10.75
C6 ADP G . -16.78 -12.04 9.98
N6 ADP G . -16.76 -13.38 9.87
N1 ADP G . -15.81 -11.33 9.34
C2 ADP G . -15.78 -10.01 9.49
N3 ADP G . -16.60 -9.23 10.22
C4 ADP G . -17.54 -9.96 10.82
HOB2 ADP G . -22.40 -6.44 18.54
HOB3 ADP G . -25.15 -7.61 17.66
HOA2 ADP G . -24.20 -9.25 14.75
H5'1 ADP G . -19.40 -7.82 15.97
H5'2 ADP G . -21.05 -7.20 15.74
H4' ADP G . -19.57 -6.33 14.01
H3' ADP G . -21.51 -8.49 12.99
HO3' ADP G . -21.40 -5.65 12.76
H2' ADP G . -20.55 -8.14 10.82
HO2' ADP G . -20.01 -6.24 10.16
H1' ADP G . -17.94 -7.52 11.72
H8 ADP G . -20.16 -10.56 12.62
HN61 ADP G . -16.06 -13.84 9.30
HN62 ADP G . -17.45 -13.95 10.37
H2 ADP G . -14.99 -9.51 8.95
MG MG H . -25.42 -8.65 15.72
N NH4 I . -9.83 -12.03 -3.59
HN1 NH4 I . -9.69 -11.64 -4.48
HN2 NH4 I . -10.77 -11.95 -3.33
HN3 NH4 I . -9.27 -11.55 -2.94
HN4 NH4 I . -9.58 -12.97 -3.60
N NH4 J . -12.59 -10.86 -1.30
HN1 NH4 J . -12.67 -10.56 -0.37
HN2 NH4 J . -11.74 -10.54 -1.67
HN3 NH4 J . -13.33 -10.51 -1.82
HN4 NH4 J . -12.61 -11.84 -1.33
PB ADP K . 22.97 14.04 -21.79
O1B ADP K . 23.19 12.57 -21.98
O2B ADP K . 22.04 14.65 -22.84
O3B ADP K . 24.29 14.83 -21.81
PA ADP K . 22.28 15.57 -19.37
O1A ADP K . 22.41 15.12 -17.96
O2A ADP K . 23.38 16.55 -19.84
O3A ADP K . 22.29 14.33 -20.38
O5' ADP K . 20.87 16.31 -19.60
C5' ADP K . 20.50 17.05 -20.79
C4' ADP K . 20.15 18.46 -20.40
O4' ADP K . 19.00 18.45 -19.52
C3' ADP K . 21.20 19.21 -19.62
O3' ADP K . 22.19 19.74 -20.50
C2' ADP K . 20.37 20.32 -18.95
O2' ADP K . 20.21 21.45 -19.81
C1' ADP K . 19.02 19.63 -18.73
N9 ADP K . 18.74 19.27 -17.35
C8 ADP K . 19.43 18.37 -16.57
N7 ADP K . 18.98 18.27 -15.35
C5 ADP K . 17.92 19.15 -15.31
C6 ADP K . 17.03 19.52 -14.29
N6 ADP K . 17.05 19.00 -13.05
N1 ADP K . 16.09 20.45 -14.58
C2 ADP K . 16.04 20.96 -15.81
N3 ADP K . 16.84 20.69 -16.85
C4 ADP K . 17.76 19.78 -16.55
HOB2 ADP K . 22.44 15.21 -23.56
HOB3 ADP K . 25.22 14.51 -21.96
HOA2 ADP K . 24.25 16.72 -19.39
H5'1 ADP K . 21.34 17.08 -21.49
H5'2 ADP K . 19.65 16.58 -21.27
H4' ADP K . 19.80 19.01 -21.28
H3' ADP K . 21.72 18.59 -18.89
HO3' ADP K . 23.01 19.88 -19.95
H2' ADP K . 20.82 20.60 -18.01
HO2' ADP K . 20.11 22.21 -19.18
H1' ADP K . 18.18 20.25 -19.09
H8 ADP K . 20.28 17.79 -16.94
HN61 ADP K . 17.75 18.31 -12.81
HN62 ADP K . 16.39 19.31 -12.36
H2 ADP K . 15.26 21.70 -15.98
MG MG L . 25.42 15.97 -20.42
N NH4 M . 13.70 29.87 -8.74
HN1 NH4 M . 14.19 29.10 -9.10
HN2 NH4 M . 13.84 29.90 -7.77
HN3 NH4 M . 12.75 29.78 -8.93
HN4 NH4 M . 14.04 30.69 -9.14
PB ADP N . 1.83 28.72 13.32
O1B ADP N . 1.60 27.92 14.55
O2B ADP N . 2.84 29.83 13.53
O3B ADP N . 0.54 29.32 12.75
PA ADP N . 2.44 27.88 10.56
O1A ADP N . 2.26 26.55 9.95
O2A ADP N . 1.41 28.94 10.15
O3A ADP N . 2.42 27.80 12.15
O5' ADP N . 3.89 28.50 10.23
C5' ADP N . 4.25 29.86 10.58
C4' ADP N . 4.56 30.62 9.31
O4' ADP N . 5.70 30.03 8.64
C3' ADP N . 3.48 30.62 8.26
O3' ADP N . 2.49 31.60 8.56
C2' ADP N . 4.26 30.95 6.99
O2' ADP N . 4.37 32.37 6.83
C1' ADP N . 5.64 30.34 7.27
N9 ADP N . 5.91 29.12 6.52
C8 ADP N . 5.23 27.94 6.57
N7 ADP N . 5.69 27.00 5.77
C5 ADP N . 6.77 27.61 5.15
C6 ADP N . 7.69 27.16 4.18
N6 ADP N . 7.70 25.93 3.68
N1 ADP N . 8.63 28.04 3.75
C2 ADP N . 8.64 29.27 4.28
N3 ADP N . 7.84 29.80 5.20
C4 ADP N . 6.92 28.92 5.59
HOB2 ADP N . 2.58 30.76 13.26
HOB3 ADP N . -0.30 29.57 13.22
HOA2 ADP N . 0.52 28.77 9.73
H5'1 ADP N . 3.44 30.34 11.09
H5'2 ADP N . 5.14 29.85 11.21
H4' ADP N . 4.89 31.63 9.56
H3' ADP N . 2.97 29.66 8.18
HO3' ADP N . 1.67 31.34 8.07
H2' ADP N . 3.81 30.49 6.11
HO2' ADP N . 4.38 32.51 5.84
H1' ADP N . 6.44 31.04 7.06
H8 ADP N . 4.36 27.78 7.22
HN61 ADP N . 7.02 25.24 4.00
HN62 ADP N . 8.39 25.65 2.99
H2 ADP N . 9.43 29.92 3.89
MG MG O . -0.60 28.91 11.06
N NH4 P . 11.00 30.85 -6.53
HN1 NH4 P . 11.07 31.22 -7.44
HN2 NH4 P . 11.85 30.47 -6.27
HN3 NH4 P . 10.31 30.15 -6.53
HN4 NH4 P . 10.74 31.56 -5.91
#